data_4NYT
#
_entry.id   4NYT
#
_cell.length_a   96.130
_cell.length_b   96.130
_cell.length_c   139.880
_cell.angle_alpha   90.00
_cell.angle_beta   90.00
_cell.angle_gamma   120.00
#
_symmetry.space_group_name_H-M   'P 32 2 1'
#
loop_
_entity.id
_entity.type
_entity.pdbx_description
1 polymer Ficolin-2
2 branched alpha-D-mannopyranose-(1-4)-2-acetamido-2-deoxy-beta-D-glucopyranose-(1-4)-[alpha-L-fucopyranose-(1-6)]2-acetamido-2-deoxy-beta-D-glucopyranose
3 non-polymer 'ACETATE ION'
4 non-polymer 'CALCIUM ION'
5 non-polymer 'PHOSPHATE ION'
6 non-polymer 2-acetamido-2-deoxy-beta-D-glucopyranose
7 non-polymer PHOSPHOCHOLINE
8 water water
#
_entity_poly.entity_id   1
_entity_poly.type   'polypeptide(L)'
_entity_poly.pdbx_seq_one_letter_code
;PCLTGPRTCKDLLDRGHFLSGWHTIYLPDCRPLTVLCDMDTDGGGWTVFQRRVDGSVDFYRDWATYKQGFGSRLGEFWLG
NDNIHALTAQGTSELRTDLVDFEDNYQFAKYRSFKVADEAEKYNLVLGAFVEGSAGDSLTFHNNQSFSTKDQDNDLNTGN
CAVMFQGAWWYKNCHTSNLNGRYLRGTHGSFANGINWKSGKGYNYSYKVSEMKVRPA
;
_entity_poly.pdbx_strand_id   C,A,B
#
loop_
_chem_comp.id
_chem_comp.type
_chem_comp.name
_chem_comp.formula
ACT non-polymer 'ACETATE ION' 'C2 H3 O2 -1'
CA non-polymer 'CALCIUM ION' 'Ca 2'
FUC L-saccharide, alpha linking alpha-L-fucopyranose 'C6 H12 O5'
MAN D-saccharide, alpha linking alpha-D-mannopyranose 'C6 H12 O6'
NAG D-saccharide, beta linking 2-acetamido-2-deoxy-beta-D-glucopyranose 'C8 H15 N O6'
PC non-polymer PHOSPHOCHOLINE 'C5 H15 N O4 P 1'
PO4 non-polymer 'PHOSPHATE ION' 'O4 P -3'
#
# COMPACT_ATOMS: atom_id res chain seq x y z
N PRO A 1 -13.43 17.50 -19.86
CA PRO A 1 -12.59 16.53 -19.07
C PRO A 1 -11.97 17.14 -17.81
N CYS A 2 -11.06 18.10 -18.00
CA CYS A 2 -10.67 19.09 -16.99
C CYS A 2 -11.80 19.87 -16.28
N LEU A 3 -12.79 20.34 -17.03
CA LEU A 3 -13.80 21.20 -16.45
C LEU A 3 -14.85 20.39 -15.72
N THR A 4 -14.93 19.10 -15.95
CA THR A 4 -15.91 18.35 -15.21
C THR A 4 -15.34 17.78 -13.93
N GLY A 5 -14.02 17.63 -13.88
CA GLY A 5 -13.41 16.82 -12.87
C GLY A 5 -13.00 17.65 -11.67
N PRO A 6 -12.57 16.98 -10.60
CA PRO A 6 -12.27 17.66 -9.35
C PRO A 6 -10.98 18.39 -9.47
N ARG A 7 -10.86 19.45 -8.71
CA ARG A 7 -9.68 20.29 -8.77
C ARG A 7 -8.88 20.10 -7.50
N THR A 8 -9.53 19.54 -6.46
CA THR A 8 -8.88 19.24 -5.17
C THR A 8 -9.43 17.97 -4.52
N CYS A 9 -8.70 17.47 -3.54
CA CYS A 9 -9.23 16.37 -2.72
C CYS A 9 -10.55 16.72 -1.99
N LYS A 10 -10.70 17.97 -1.57
CA LYS A 10 -11.93 18.50 -1.03
C LYS A 10 -13.15 18.34 -1.96
N ASP A 11 -12.97 18.56 -3.26
CA ASP A 11 -14.08 18.32 -4.24
C ASP A 11 -14.49 16.83 -4.35
N LEU A 12 -13.50 15.95 -4.29
CA LEU A 12 -13.68 14.52 -4.29
C LEU A 12 -14.46 14.11 -3.06
N LEU A 13 -14.13 14.70 -1.92
CA LEU A 13 -14.87 14.39 -0.71
C LEU A 13 -16.31 14.83 -0.85
N ASP A 14 -16.50 16.05 -1.33
CA ASP A 14 -17.85 16.59 -1.52
C ASP A 14 -18.64 15.78 -2.55
N ARG A 15 -17.95 15.10 -3.49
CA ARG A 15 -18.62 14.20 -4.45
C ARG A 15 -18.86 12.78 -3.93
N GLY A 16 -18.48 12.49 -2.68
CA GLY A 16 -18.76 11.19 -2.10
C GLY A 16 -17.64 10.17 -2.13
N HIS A 17 -16.39 10.61 -2.23
CA HIS A 17 -15.24 9.70 -2.11
C HIS A 17 -14.78 9.74 -0.65
N PHE A 18 -15.22 8.78 0.15
CA PHE A 18 -14.97 8.84 1.59
C PHE A 18 -13.78 8.07 2.10
N LEU A 19 -13.09 7.38 1.20
CA LEU A 19 -11.91 6.60 1.54
C LEU A 19 -10.67 7.36 1.09
N SER A 20 -9.65 7.44 1.95
CA SER A 20 -8.39 7.95 1.56
C SER A 20 -7.79 7.06 0.49
N GLY A 21 -7.00 7.71 -0.37
CA GLY A 21 -6.44 7.04 -1.55
C GLY A 21 -6.06 8.00 -2.66
N TRP A 22 -5.42 7.43 -3.68
CA TRP A 22 -4.87 8.15 -4.79
C TRP A 22 -5.94 8.41 -5.82
N HIS A 23 -6.11 9.68 -6.18
CA HIS A 23 -7.13 10.04 -7.15
C HIS A 23 -6.56 11.11 -8.04
N THR A 24 -7.09 11.21 -9.25
CA THR A 24 -6.53 12.20 -10.16
C THR A 24 -7.37 13.47 -10.06
N ILE A 25 -6.69 14.60 -9.88
CA ILE A 25 -7.34 15.90 -9.83
C ILE A 25 -6.74 16.74 -10.96
N TYR A 26 -7.36 17.86 -11.22
CA TYR A 26 -6.94 18.72 -12.31
C TYR A 26 -6.41 20.04 -11.77
N LEU A 27 -5.13 20.29 -12.00
CA LEU A 27 -4.49 21.53 -11.59
C LEU A 27 -5.12 22.76 -12.28
N PRO A 28 -4.83 23.98 -11.81
CA PRO A 28 -5.38 25.22 -12.41
C PRO A 28 -5.06 25.42 -13.91
N ASP A 29 -3.93 24.88 -14.38
CA ASP A 29 -3.57 24.85 -15.79
C ASP A 29 -4.15 23.62 -16.56
N CYS A 30 -5.06 22.88 -15.90
CA CYS A 30 -5.65 21.63 -16.40
C CYS A 30 -4.75 20.37 -16.45
N ARG A 31 -3.52 20.49 -16.03
CA ARG A 31 -2.72 19.28 -15.88
C ARG A 31 -3.35 18.23 -14.91
N PRO A 32 -3.54 17.00 -15.40
CA PRO A 32 -3.99 16.02 -14.43
C PRO A 32 -2.86 15.65 -13.51
N LEU A 33 -3.13 15.46 -12.22
N LEU A 33 -3.15 15.45 -12.23
CA LEU A 33 -2.13 14.99 -11.28
CA LEU A 33 -2.16 15.02 -11.25
C LEU A 33 -2.79 13.98 -10.37
C LEU A 33 -2.79 13.99 -10.35
N THR A 34 -2.14 12.84 -10.20
CA THR A 34 -2.63 11.79 -9.32
C THR A 34 -2.11 12.04 -7.91
N VAL A 35 -3.01 12.40 -7.01
CA VAL A 35 -2.58 12.80 -5.66
C VAL A 35 -3.23 11.95 -4.62
N LEU A 36 -2.62 11.95 -3.43
CA LEU A 36 -3.12 11.18 -2.30
C LEU A 36 -4.07 12.06 -1.55
N CYS A 37 -5.33 11.65 -1.49
CA CYS A 37 -6.31 12.32 -0.66
C CYS A 37 -6.45 11.68 0.74
N ASP A 38 -6.44 12.49 1.78
CA ASP A 38 -6.77 12.06 3.10
C ASP A 38 -8.21 12.50 3.36
N MET A 39 -9.10 11.51 3.38
CA MET A 39 -10.51 11.73 3.61
C MET A 39 -10.87 11.43 5.06
N ASP A 40 -9.90 10.98 5.86
CA ASP A 40 -10.16 10.38 7.16
C ASP A 40 -9.85 11.33 8.32
N THR A 41 -8.84 12.20 8.20
CA THR A 41 -8.36 13.09 9.29
C THR A 41 -9.00 14.44 9.30
N ASP A 42 -9.42 14.89 10.50
CA ASP A 42 -9.89 16.26 10.75
C ASP A 42 -10.86 16.73 9.69
N GLY A 43 -11.87 15.92 9.41
CA GLY A 43 -12.91 16.26 8.48
C GLY A 43 -12.61 15.85 7.06
N GLY A 44 -11.40 15.44 6.79
CA GLY A 44 -11.10 14.99 5.44
C GLY A 44 -10.91 16.10 4.38
N GLY A 45 -10.59 15.66 3.16
CA GLY A 45 -10.43 16.53 2.01
C GLY A 45 -9.03 17.10 1.84
N TRP A 46 -8.04 16.47 2.49
CA TRP A 46 -6.66 16.96 2.47
C TRP A 46 -5.89 16.32 1.33
N THR A 47 -5.03 17.09 0.69
CA THR A 47 -4.17 16.58 -0.34
C THR A 47 -2.85 16.37 0.28
N VAL A 48 -2.35 15.14 0.28
CA VAL A 48 -1.12 14.83 0.98
C VAL A 48 0.09 15.00 0.07
N PHE A 49 1.02 15.85 0.45
CA PHE A 49 2.17 16.07 -0.42
C PHE A 49 3.46 15.52 0.11
N GLN A 50 3.48 15.07 1.35
CA GLN A 50 4.64 14.34 1.87
C GLN A 50 4.16 13.19 2.74
N ARG A 51 4.83 12.05 2.63
CA ARG A 51 4.45 10.93 3.45
C ARG A 51 5.64 10.07 3.75
N ARG A 52 5.91 9.88 5.04
CA ARG A 52 6.93 8.92 5.48
C ARG A 52 6.21 7.86 6.31
N VAL A 53 6.60 6.61 6.15
CA VAL A 53 5.88 5.52 6.81
C VAL A 53 6.77 4.32 7.23
N ASP A 54 7.92 4.12 6.57
CA ASP A 54 8.72 2.90 6.86
C ASP A 54 10.18 2.97 6.43
N GLY A 55 10.64 4.10 5.90
CA GLY A 55 12.06 4.26 5.53
C GLY A 55 12.45 3.58 4.24
N SER A 56 11.47 3.10 3.47
CA SER A 56 11.77 2.41 2.21
C SER A 56 12.26 3.34 1.11
N VAL A 57 12.03 4.66 1.22
CA VAL A 57 12.46 5.63 0.18
C VAL A 57 13.48 6.61 0.73
N ASP A 58 14.57 6.80 -0.01
CA ASP A 58 15.63 7.75 0.26
C ASP A 58 15.11 9.20 -0.05
N PHE A 59 15.13 10.04 0.99
CA PHE A 59 14.71 11.42 0.95
C PHE A 59 15.90 12.35 0.89
N TYR A 60 17.10 11.79 0.91
CA TYR A 60 18.31 12.62 0.77
C TYR A 60 18.59 12.84 -0.69
N ARG A 61 17.82 13.69 -1.31
CA ARG A 61 17.90 13.85 -2.78
C ARG A 61 18.18 15.28 -3.25
N ASP A 62 18.51 15.41 -4.55
CA ASP A 62 18.94 16.63 -5.11
C ASP A 62 17.78 17.53 -5.56
N TRP A 63 18.12 18.75 -5.93
CA TRP A 63 17.15 19.77 -6.31
C TRP A 63 16.18 19.33 -7.39
N ALA A 64 16.68 18.81 -8.50
CA ALA A 64 15.81 18.39 -9.63
C ALA A 64 14.82 17.28 -9.23
N THR A 65 15.22 16.45 -8.26
CA THR A 65 14.40 15.32 -7.80
C THR A 65 13.29 15.84 -6.91
N TYR A 66 13.59 16.75 -5.98
CA TYR A 66 12.56 17.41 -5.20
C TYR A 66 11.60 18.23 -6.02
N LYS A 67 12.12 18.83 -7.09
CA LYS A 67 11.35 19.62 -7.99
C LYS A 67 10.26 18.80 -8.66
N GLN A 68 10.61 17.63 -9.19
CA GLN A 68 9.65 16.81 -9.93
C GLN A 68 8.82 15.83 -9.05
N GLY A 69 9.28 15.60 -7.85
CA GLY A 69 8.68 14.56 -6.99
C GLY A 69 9.36 13.20 -7.13
N PHE A 70 9.20 12.38 -6.11
CA PHE A 70 9.83 11.09 -6.05
C PHE A 70 9.12 10.26 -5.00
N GLY A 71 9.32 8.95 -5.09
CA GLY A 71 8.81 7.96 -4.14
C GLY A 71 7.74 7.10 -4.82
N SER A 72 6.81 6.62 -4.03
CA SER A 72 5.88 5.63 -4.48
C SER A 72 4.49 5.86 -3.90
N ARG A 73 3.50 5.66 -4.74
CA ARG A 73 2.14 5.77 -4.28
C ARG A 73 1.81 4.64 -3.28
N LEU A 74 2.62 3.58 -3.27
CA LEU A 74 2.48 2.49 -2.30
C LEU A 74 2.85 2.84 -0.88
N GLY A 75 3.61 3.92 -0.71
CA GLY A 75 4.21 4.22 0.56
C GLY A 75 4.67 5.64 0.73
N GLU A 76 5.97 5.85 0.57
CA GLU A 76 6.58 7.09 0.90
C GLU A 76 6.83 7.91 -0.34
N PHE A 77 6.64 9.23 -0.20
CA PHE A 77 6.78 10.14 -1.35
C PHE A 77 6.85 11.61 -0.90
N TRP A 78 7.43 12.39 -1.81
CA TRP A 78 7.36 13.85 -1.91
C TRP A 78 6.73 14.21 -3.24
N LEU A 79 5.64 14.95 -3.20
CA LEU A 79 4.78 15.13 -4.41
C LEU A 79 5.47 15.96 -5.48
N GLY A 80 6.43 16.78 -5.08
CA GLY A 80 7.20 17.61 -5.99
C GLY A 80 6.90 19.08 -5.74
N ASN A 81 7.95 19.89 -5.73
CA ASN A 81 7.83 21.32 -5.45
C ASN A 81 7.05 22.04 -6.51
N ASP A 82 7.23 21.74 -7.79
CA ASP A 82 6.32 22.33 -8.81
C ASP A 82 4.85 21.98 -8.58
N ASN A 83 4.56 20.75 -8.18
CA ASN A 83 3.13 20.38 -7.91
C ASN A 83 2.58 21.06 -6.67
N ILE A 84 3.40 21.20 -5.65
CA ILE A 84 3.00 21.82 -4.40
C ILE A 84 2.79 23.30 -4.64
N HIS A 85 3.63 23.89 -5.47
CA HIS A 85 3.41 25.27 -5.82
C HIS A 85 2.07 25.43 -6.54
N ALA A 86 1.84 24.58 -7.52
CA ALA A 86 0.62 24.68 -8.34
C ALA A 86 -0.64 24.42 -7.52
N LEU A 87 -0.55 23.51 -6.56
CA LEU A 87 -1.63 23.24 -5.63
C LEU A 87 -1.89 24.40 -4.70
N THR A 88 -0.88 25.19 -4.35
CA THR A 88 -1.08 26.20 -3.33
C THR A 88 -1.02 27.62 -3.88
N ALA A 89 -0.58 27.81 -5.11
CA ALA A 89 -0.40 29.16 -5.73
C ALA A 89 -1.59 30.11 -5.60
N GLN A 90 -2.81 29.61 -5.73
CA GLN A 90 -3.93 30.53 -5.94
C GLN A 90 -4.92 30.54 -4.79
N GLY A 91 -4.49 31.22 -3.73
CA GLY A 91 -5.34 31.50 -2.56
C GLY A 91 -4.90 30.75 -1.30
N THR A 92 -5.84 30.01 -0.70
CA THR A 92 -5.76 29.80 0.74
C THR A 92 -5.98 28.38 1.09
N SER A 93 -4.91 27.62 1.10
CA SER A 93 -5.04 26.29 1.61
C SER A 93 -4.33 26.25 2.92
N GLU A 94 -4.95 25.58 3.89
CA GLU A 94 -4.33 25.37 5.18
C GLU A 94 -3.47 24.13 5.15
N LEU A 95 -2.55 24.05 6.10
CA LEU A 95 -1.56 23.01 6.20
C LEU A 95 -1.76 22.21 7.51
N ARG A 96 -1.80 20.90 7.36
CA ARG A 96 -1.78 20.02 8.52
C ARG A 96 -0.58 19.09 8.49
N THR A 97 0.09 19.00 9.61
CA THR A 97 1.17 18.06 9.79
C THR A 97 0.78 16.97 10.81
N ASP A 98 0.81 15.70 10.37
CA ASP A 98 0.50 14.55 11.25
C ASP A 98 1.76 13.68 11.47
N LEU A 99 2.05 13.42 12.73
CA LEU A 99 3.23 12.69 13.16
C LEU A 99 2.82 11.54 14.10
N VAL A 100 3.39 10.35 13.92
CA VAL A 100 3.13 9.28 14.84
C VAL A 100 4.50 8.76 15.30
N ASP A 101 4.64 8.57 16.59
CA ASP A 101 5.89 8.05 17.11
C ASP A 101 5.81 6.51 17.13
N PHE A 102 6.85 5.83 17.63
CA PHE A 102 6.88 4.35 17.61
C PHE A 102 6.08 3.75 18.73
N GLU A 103 5.63 4.59 19.64
CA GLU A 103 4.75 4.21 20.73
C GLU A 103 3.25 4.48 20.44
N ASP A 104 2.90 4.74 19.18
CA ASP A 104 1.52 5.03 18.78
C ASP A 104 0.96 6.34 19.39
N ASN A 105 1.83 7.31 19.67
CA ASN A 105 1.33 8.64 20.03
C ASN A 105 1.24 9.49 18.78
N TYR A 106 0.06 10.07 18.60
CA TYR A 106 -0.33 10.85 17.44
C TYR A 106 -0.23 12.31 17.84
N GLN A 107 0.60 13.07 17.15
CA GLN A 107 0.67 14.51 17.37
C GLN A 107 0.47 15.21 16.03
N PHE A 108 -0.01 16.44 16.07
CA PHE A 108 -0.22 17.23 14.85
C PHE A 108 0.04 18.71 15.07
N ALA A 109 0.19 19.42 13.95
CA ALA A 109 0.27 20.85 13.90
C ALA A 109 -0.58 21.35 12.77
N LYS A 110 -1.27 22.44 13.00
CA LYS A 110 -2.12 23.03 11.97
C LYS A 110 -1.82 24.51 11.80
N TYR A 111 -1.67 24.90 10.54
CA TYR A 111 -1.36 26.30 10.13
C TYR A 111 -2.48 26.92 9.25
N ARG A 112 -2.76 28.17 9.44
CA ARG A 112 -3.94 28.80 8.79
C ARG A 112 -3.82 28.92 7.27
N SER A 113 -2.59 29.11 6.79
CA SER A 113 -2.31 29.14 5.35
C SER A 113 -0.93 28.65 5.10
N PHE A 114 -0.72 28.17 3.90
CA PHE A 114 0.51 27.64 3.47
C PHE A 114 0.57 27.71 1.94
N LYS A 115 1.64 28.29 1.43
CA LYS A 115 1.80 28.57 0.00
C LYS A 115 3.30 28.40 -0.22
N VAL A 116 3.69 27.69 -1.25
CA VAL A 116 5.06 27.74 -1.70
C VAL A 116 5.13 28.38 -3.06
N ALA A 117 6.07 29.29 -3.20
CA ALA A 117 6.25 30.06 -4.44
C ALA A 117 6.89 29.16 -5.51
N ASP A 118 7.17 29.72 -6.67
CA ASP A 118 7.65 28.92 -7.81
C ASP A 118 9.16 28.75 -7.71
N GLU A 119 9.71 28.03 -8.69
CA GLU A 119 11.12 27.69 -8.71
C GLU A 119 11.98 28.90 -8.72
N ALA A 120 11.55 29.93 -9.35
CA ALA A 120 12.32 31.16 -9.43
C ALA A 120 12.51 31.88 -8.07
N GLU A 121 11.55 31.73 -7.16
CA GLU A 121 11.73 32.17 -5.77
C GLU A 121 12.14 31.04 -4.87
N LYS A 122 12.67 30.02 -5.50
CA LYS A 122 13.20 28.90 -4.80
C LYS A 122 12.19 28.27 -3.84
N TYR A 123 10.94 28.20 -4.27
CA TYR A 123 9.90 27.58 -3.51
C TYR A 123 9.75 28.15 -2.09
N ASN A 124 9.85 29.48 -1.99
CA ASN A 124 9.77 30.22 -0.75
C ASN A 124 8.52 29.80 -0.03
N LEU A 125 8.65 29.62 1.28
CA LEU A 125 7.52 29.22 2.12
C LEU A 125 6.80 30.41 2.59
N VAL A 126 5.51 30.44 2.35
CA VAL A 126 4.71 31.51 2.84
C VAL A 126 3.71 30.80 3.72
N LEU A 127 3.87 31.03 5.04
CA LEU A 127 3.20 30.27 6.15
C LEU A 127 2.36 31.23 6.98
N GLY A 128 1.08 30.90 7.15
CA GLY A 128 0.20 31.62 8.07
C GLY A 128 0.42 31.21 9.52
N ALA A 129 -0.36 31.78 10.40
CA ALA A 129 -0.25 31.50 11.84
C ALA A 129 -0.53 30.06 12.22
N PHE A 130 0.22 29.64 13.21
CA PHE A 130 -0.02 28.43 13.94
C PHE A 130 -1.40 28.50 14.55
N VAL A 131 -2.29 27.60 14.15
CA VAL A 131 -3.63 27.53 14.75
C VAL A 131 -3.64 26.82 16.14
N GLU A 132 -3.18 25.57 16.16
CA GLU A 132 -3.26 24.65 17.29
C GLU A 132 -2.46 23.41 16.89
N GLY A 133 -2.31 22.48 17.82
CA GLY A 133 -1.61 21.26 17.51
C GLY A 133 -0.80 20.75 18.69
N SER A 134 -1.01 19.48 19.01
CA SER A 134 -0.35 18.81 20.13
C SER A 134 1.17 18.59 19.86
N ALA A 135 1.61 18.70 18.59
CA ALA A 135 3.04 18.65 18.23
C ALA A 135 3.79 19.91 18.52
N GLY A 136 3.05 20.98 18.78
CA GLY A 136 3.69 22.29 19.01
C GLY A 136 4.09 22.85 17.68
N ASP A 137 4.55 24.11 17.68
CA ASP A 137 4.88 24.83 16.45
C ASP A 137 6.35 24.73 16.13
N SER A 138 6.67 23.98 15.11
CA SER A 138 8.05 23.89 14.71
C SER A 138 8.13 24.21 13.22
N LEU A 139 7.25 25.11 12.75
CA LEU A 139 7.39 25.56 11.37
C LEU A 139 7.38 27.09 11.10
N THR A 140 6.87 27.89 12.03
CA THR A 140 6.93 29.36 11.94
C THR A 140 8.38 29.91 11.84
N PHE A 141 9.30 29.24 12.56
CA PHE A 141 10.74 29.48 12.41
C PHE A 141 11.22 29.46 10.95
N HIS A 142 10.64 28.58 10.16
CA HIS A 142 11.04 28.42 8.78
C HIS A 142 10.26 29.33 7.77
N ASN A 143 9.40 30.21 8.26
CA ASN A 143 8.63 31.07 7.39
C ASN A 143 9.54 31.90 6.53
N ASN A 144 9.23 32.05 5.26
CA ASN A 144 9.99 32.95 4.35
C ASN A 144 11.40 32.49 4.04
N GLN A 145 11.62 31.20 4.08
CA GLN A 145 12.91 30.67 3.71
C GLN A 145 12.77 29.97 2.37
N SER A 146 13.79 30.06 1.56
CA SER A 146 13.93 29.17 0.46
C SER A 146 14.03 27.71 0.84
N PHE A 147 13.63 26.86 -0.11
CA PHE A 147 13.78 25.43 0.00
C PHE A 147 15.23 25.17 -0.37
N SER A 148 15.85 24.21 0.32
CA SER A 148 17.23 23.87 0.09
C SER A 148 17.38 22.37 -0.01
N THR A 149 18.28 21.93 -0.87
CA THR A 149 18.68 20.53 -0.96
C THR A 149 20.22 20.42 -0.85
N LYS A 150 20.70 19.20 -0.79
CA LYS A 150 22.17 18.98 -0.65
C LYS A 150 23.01 19.68 -1.68
N ASP A 151 22.50 19.73 -2.93
CA ASP A 151 23.20 20.31 -4.08
C ASP A 151 22.73 21.74 -4.38
N GLN A 152 21.84 22.29 -3.57
CA GLN A 152 21.47 23.69 -3.76
C GLN A 152 21.13 24.33 -2.44
N ASP A 153 22.11 25.03 -1.88
CA ASP A 153 22.08 25.69 -0.57
C ASP A 153 21.54 27.11 -0.73
N ASN A 154 20.32 27.26 -0.25
CA ASN A 154 19.65 28.53 -0.23
C ASN A 154 19.34 28.88 1.21
N ASP A 155 20.08 28.29 2.18
CA ASP A 155 19.72 28.54 3.59
C ASP A 155 20.44 29.76 4.08
N LEU A 156 20.25 30.10 5.37
CA LEU A 156 20.89 31.29 5.99
C LEU A 156 22.08 30.89 6.85
N ASN A 157 22.45 29.64 6.78
CA ASN A 157 23.62 29.12 7.43
C ASN A 157 24.84 29.26 6.51
N THR A 158 25.92 29.53 7.19
CA THR A 158 27.20 29.72 6.54
C THR A 158 27.85 28.42 5.91
N GLY A 159 27.37 27.33 6.50
CA GLY A 159 27.32 26.08 5.84
C GLY A 159 26.05 25.60 5.12
N ASN A 160 26.08 24.24 4.97
CA ASN A 160 25.10 23.40 4.22
C ASN A 160 24.21 22.54 5.20
N CYS A 161 23.06 23.21 5.45
CA CYS A 161 22.00 22.65 6.30
C CYS A 161 21.49 21.33 5.78
N ALA A 162 21.28 21.24 4.48
CA ALA A 162 20.73 20.03 3.91
C ALA A 162 21.70 18.83 4.14
N VAL A 163 23.00 19.09 4.06
CA VAL A 163 24.04 18.09 4.26
C VAL A 163 24.19 17.80 5.75
N MET A 164 24.33 18.84 6.56
N MET A 164 24.31 18.85 6.55
CA MET A 164 24.47 18.71 7.99
CA MET A 164 24.47 18.76 8.01
C MET A 164 23.35 17.86 8.59
C MET A 164 23.33 17.99 8.69
N PHE A 165 22.11 18.08 8.14
CA PHE A 165 20.93 17.48 8.75
C PHE A 165 20.23 16.49 7.86
N GLN A 166 20.91 16.10 6.79
CA GLN A 166 20.61 14.95 5.92
C GLN A 166 19.16 14.93 5.45
N GLY A 167 18.77 16.07 4.93
CA GLY A 167 17.40 16.28 4.50
C GLY A 167 17.29 17.30 3.37
N ALA A 168 16.09 17.83 3.23
CA ALA A 168 15.75 18.92 2.27
C ALA A 168 14.57 19.64 2.85
N TRP A 169 14.66 20.94 3.00
CA TRP A 169 13.67 21.66 3.74
C TRP A 169 13.88 23.14 3.51
N TRP A 170 13.01 23.90 4.16
CA TRP A 170 13.05 25.35 4.09
C TRP A 170 13.97 25.81 5.23
N TYR A 171 15.24 25.42 5.15
CA TYR A 171 16.12 25.58 6.27
C TYR A 171 16.45 27.01 6.44
N LYS A 172 16.60 27.40 7.68
CA LYS A 172 17.04 28.71 7.99
C LYS A 172 18.50 28.62 8.46
N ASN A 173 18.72 28.51 9.75
CA ASN A 173 20.06 28.46 10.31
C ASN A 173 20.19 27.53 11.59
N CYS A 174 19.73 26.28 11.56
CA CYS A 174 19.22 25.61 10.40
C CYS A 174 17.77 25.24 10.48
N HIS A 175 17.39 24.54 11.57
CA HIS A 175 16.03 24.06 11.69
C HIS A 175 15.56 23.77 13.06
N THR A 176 14.22 23.71 13.07
CA THR A 176 13.38 23.29 14.15
C THR A 176 12.45 22.10 13.70
N SER A 177 12.31 21.90 12.40
CA SER A 177 11.65 20.72 11.87
C SER A 177 12.47 20.17 10.68
N ASN A 178 12.32 18.92 10.38
CA ASN A 178 13.20 18.28 9.42
C ASN A 178 12.55 17.01 8.88
N LEU A 179 11.34 17.15 8.35
CA LEU A 179 10.50 16.00 8.11
C LEU A 179 10.93 15.17 6.92
N ASN A 180 11.83 15.71 6.09
CA ASN A 180 12.45 14.94 5.04
C ASN A 180 13.85 14.44 5.44
N GLY A 181 14.14 14.40 6.73
CA GLY A 181 15.40 13.88 7.21
C GLY A 181 15.43 12.35 7.11
N ARG A 182 16.44 11.74 7.72
N ARG A 182 16.46 11.73 7.69
CA ARG A 182 16.64 10.33 7.55
CA ARG A 182 16.67 10.34 7.51
C ARG A 182 15.66 9.53 8.40
C ARG A 182 15.71 9.51 8.40
N TYR A 183 15.28 8.34 7.92
CA TYR A 183 14.34 7.50 8.67
C TYR A 183 15.13 6.73 9.72
N LEU A 184 15.36 7.36 10.86
CA LEU A 184 16.27 6.81 11.88
C LEU A 184 15.58 5.91 12.90
N ARG A 185 14.27 5.68 12.76
CA ARG A 185 13.55 4.77 13.65
C ARG A 185 13.66 5.12 15.15
N GLY A 186 13.05 6.22 15.55
CA GLY A 186 12.94 6.53 16.98
C GLY A 186 14.14 7.32 17.48
N THR A 187 14.67 6.88 18.61
CA THR A 187 15.77 7.55 19.27
C THR A 187 17.05 7.40 18.42
N HIS A 188 17.75 8.51 18.16
CA HIS A 188 19.07 8.46 17.53
C HIS A 188 20.13 9.32 18.24
N GLY A 189 21.36 8.83 18.29
CA GLY A 189 22.49 9.61 18.83
C GLY A 189 22.90 10.76 17.91
N SER A 190 22.83 10.58 16.62
CA SER A 190 23.19 11.63 15.71
C SER A 190 22.29 12.89 15.88
N PHE A 191 22.84 14.08 15.63
CA PHE A 191 22.12 15.34 15.93
C PHE A 191 21.29 15.89 14.80
N ALA A 192 19.98 15.90 15.00
CA ALA A 192 19.03 16.81 14.31
C ALA A 192 18.84 16.34 12.89
N ASN A 193 19.23 15.10 12.63
CA ASN A 193 19.24 14.58 11.27
C ASN A 193 18.20 13.54 10.89
N GLY A 194 17.19 13.42 11.75
CA GLY A 194 16.14 12.48 11.55
C GLY A 194 14.87 13.19 11.17
N ILE A 195 13.77 12.47 11.26
CA ILE A 195 12.45 13.05 10.93
C ILE A 195 12.03 13.72 12.23
N ASN A 196 12.56 14.92 12.41
CA ASN A 196 12.45 15.62 13.71
C ASN A 196 11.48 16.76 13.68
N TRP A 197 10.86 16.94 14.81
CA TRP A 197 10.05 18.12 15.02
C TRP A 197 10.41 18.57 16.44
N LYS A 198 11.16 19.65 16.54
CA LYS A 198 11.71 20.08 17.82
C LYS A 198 10.72 20.14 18.96
N SER A 199 9.64 20.88 18.78
CA SER A 199 8.66 21.06 19.89
C SER A 199 7.87 19.78 20.16
N GLY A 200 8.04 18.78 19.31
CA GLY A 200 7.25 17.55 19.42
C GLY A 200 8.05 16.55 20.20
N LYS A 201 8.86 15.75 19.55
CA LYS A 201 9.73 14.78 20.24
C LYS A 201 11.21 15.15 20.30
N GLY A 202 11.56 16.30 19.71
CA GLY A 202 12.90 16.87 19.87
C GLY A 202 13.86 16.54 18.72
N TYR A 203 15.10 16.95 18.89
CA TYR A 203 16.15 16.79 17.90
C TYR A 203 16.80 15.35 17.83
N ASN A 204 16.37 14.46 18.71
CA ASN A 204 16.96 13.12 18.80
C ASN A 204 15.92 12.02 18.75
N TYR A 205 14.79 12.29 18.09
CA TYR A 205 13.71 11.31 17.87
C TYR A 205 13.10 11.43 16.50
N SER A 206 13.17 10.34 15.74
CA SER A 206 12.72 10.32 14.37
C SER A 206 11.40 9.56 14.39
N TYR A 207 10.33 10.24 13.97
CA TYR A 207 8.99 9.71 13.94
C TYR A 207 8.85 8.52 13.00
N LYS A 208 7.81 7.73 13.27
CA LYS A 208 7.47 6.59 12.45
C LYS A 208 6.69 7.04 11.21
N VAL A 209 5.77 7.97 11.40
CA VAL A 209 4.93 8.42 10.33
C VAL A 209 4.95 9.93 10.32
N SER A 210 5.11 10.46 9.13
CA SER A 210 5.02 11.92 8.89
C SER A 210 4.10 12.17 7.69
N GLU A 211 3.17 13.07 7.81
CA GLU A 211 2.39 13.43 6.66
C GLU A 211 2.16 14.91 6.67
N MET A 212 2.37 15.54 5.52
CA MET A 212 2.09 16.96 5.34
C MET A 212 1.03 17.06 4.29
N LYS A 213 0.01 17.84 4.61
CA LYS A 213 -1.15 17.86 3.73
C LYS A 213 -1.87 19.20 3.74
N VAL A 214 -2.59 19.46 2.67
CA VAL A 214 -3.24 20.78 2.49
C VAL A 214 -4.71 20.71 2.11
N ARG A 215 -5.45 21.74 2.50
CA ARG A 215 -6.88 21.83 2.21
C ARG A 215 -7.27 23.31 2.05
N PRO A 216 -8.23 23.63 1.18
CA PRO A 216 -8.76 25.03 1.02
C PRO A 216 -9.21 25.74 2.31
N GLY B 5 -1.39 6.93 -26.33
CA GLY B 5 -1.42 5.94 -25.23
C GLY B 5 -0.03 5.44 -24.85
N PRO B 6 0.22 5.24 -23.55
CA PRO B 6 1.54 4.77 -23.15
C PRO B 6 1.70 3.28 -23.37
N ARG B 7 2.86 2.90 -23.89
CA ARG B 7 3.18 1.53 -24.28
C ARG B 7 4.05 0.87 -23.20
N THR B 8 4.76 1.69 -22.43
CA THR B 8 5.65 1.22 -21.36
C THR B 8 5.69 2.19 -20.18
N CYS B 9 6.26 1.72 -19.06
CA CYS B 9 6.48 2.61 -17.92
C CYS B 9 7.44 3.75 -18.31
N LYS B 10 8.43 3.47 -19.14
CA LYS B 10 9.31 4.51 -19.68
C LYS B 10 8.57 5.65 -20.40
N ASP B 11 7.50 5.33 -21.15
CA ASP B 11 6.68 6.38 -21.77
C ASP B 11 5.94 7.24 -20.75
N LEU B 12 5.44 6.59 -19.70
CA LEU B 12 4.81 7.30 -18.59
C LEU B 12 5.79 8.25 -17.92
N LEU B 13 6.99 7.77 -17.68
CA LEU B 13 7.99 8.64 -17.07
C LEU B 13 8.22 9.85 -17.94
N ASP B 14 8.41 9.62 -19.24
CA ASP B 14 8.68 10.71 -20.21
C ASP B 14 7.47 11.65 -20.29
N ARG B 15 6.27 11.17 -19.99
CA ARG B 15 5.12 12.06 -19.87
C ARG B 15 4.94 12.78 -18.53
N GLY B 16 5.88 12.67 -17.62
CA GLY B 16 5.80 13.37 -16.35
C GLY B 16 5.13 12.59 -15.20
N HIS B 17 5.05 11.27 -15.26
CA HIS B 17 4.65 10.48 -14.09
C HIS B 17 5.89 10.09 -13.27
N PHE B 18 6.23 10.90 -12.27
CA PHE B 18 7.46 10.69 -11.52
C PHE B 18 7.33 9.82 -10.26
N LEU B 19 6.13 9.38 -9.92
CA LEU B 19 5.97 8.55 -8.71
C LEU B 19 5.76 7.12 -9.13
N SER B 20 6.44 6.19 -8.50
CA SER B 20 6.18 4.80 -8.73
C SER B 20 4.76 4.43 -8.32
N GLY B 21 4.21 3.44 -9.00
CA GLY B 21 2.81 3.07 -8.82
C GLY B 21 2.26 2.34 -10.00
N TRP B 22 0.99 1.98 -9.87
CA TRP B 22 0.27 1.13 -10.83
C TRP B 22 -0.32 2.04 -11.85
N HIS B 23 0.00 1.80 -13.09
CA HIS B 23 -0.56 2.55 -14.20
C HIS B 23 -0.95 1.58 -15.30
N THR B 24 -1.86 1.99 -16.17
CA THR B 24 -2.28 1.09 -17.25
C THR B 24 -1.46 1.49 -18.48
N ILE B 25 -0.87 0.50 -19.13
CA ILE B 25 -0.17 0.68 -20.38
C ILE B 25 -0.89 -0.16 -21.45
N TYR B 26 -0.47 -0.02 -22.68
CA TYR B 26 -1.08 -0.75 -23.79
C TYR B 26 -0.04 -1.68 -24.41
N LEU B 27 -0.30 -2.97 -24.34
CA LEU B 27 0.62 -3.97 -24.82
C LEU B 27 0.72 -3.94 -26.34
N PRO B 28 1.78 -4.57 -26.90
CA PRO B 28 1.99 -4.51 -28.37
C PRO B 28 0.74 -4.66 -29.25
N ASP B 29 -0.20 -5.49 -28.82
CA ASP B 29 -1.45 -5.74 -29.54
C ASP B 29 -2.62 -4.84 -29.10
N CYS B 30 -2.36 -3.95 -28.12
CA CYS B 30 -3.30 -2.92 -27.63
C CYS B 30 -4.20 -3.37 -26.49
N ARG B 31 -3.89 -4.51 -25.94
CA ARG B 31 -4.54 -4.95 -24.72
C ARG B 31 -4.08 -4.02 -23.59
N PRO B 32 -5.04 -3.50 -22.78
CA PRO B 32 -4.60 -2.74 -21.62
C PRO B 32 -4.11 -3.65 -20.53
N LEU B 33 -3.08 -3.19 -19.82
CA LEU B 33 -2.48 -3.95 -18.71
C LEU B 33 -2.10 -2.97 -17.61
N THR B 34 -2.56 -3.24 -16.39
CA THR B 34 -2.22 -2.38 -15.28
C THR B 34 -0.97 -2.93 -14.68
N VAL B 35 0.10 -2.13 -14.75
CA VAL B 35 1.41 -2.60 -14.31
C VAL B 35 2.03 -1.68 -13.30
N LEU B 36 2.97 -2.24 -12.54
CA LEU B 36 3.69 -1.46 -11.53
C LEU B 36 4.90 -0.81 -12.16
N CYS B 37 4.93 0.51 -12.14
CA CYS B 37 6.08 1.25 -12.65
C CYS B 37 7.05 1.63 -11.51
N ASP B 38 8.33 1.38 -11.69
CA ASP B 38 9.34 1.91 -10.79
C ASP B 38 9.93 3.09 -11.50
N MET B 39 9.62 4.28 -10.99
CA MET B 39 10.06 5.52 -11.54
C MET B 39 11.26 6.10 -10.81
N ASP B 40 11.86 5.37 -9.90
CA ASP B 40 13.02 5.87 -9.19
C ASP B 40 14.31 5.18 -9.66
N THR B 41 14.36 3.88 -9.58
CA THR B 41 15.60 3.19 -9.65
C THR B 41 16.31 3.39 -11.00
N ASP B 42 17.61 3.66 -10.93
CA ASP B 42 18.50 3.69 -12.07
C ASP B 42 17.87 4.41 -13.25
N GLY B 43 17.39 5.63 -13.01
CA GLY B 43 16.79 6.47 -14.02
C GLY B 43 15.27 6.28 -14.13
N GLY B 44 14.72 5.23 -13.57
CA GLY B 44 13.28 5.03 -13.62
C GLY B 44 12.74 4.56 -14.97
N GLY B 45 11.42 4.32 -15.03
CA GLY B 45 10.80 3.82 -16.22
C GLY B 45 10.82 2.33 -16.40
N TRP B 46 11.02 1.59 -15.30
CA TRP B 46 10.98 0.13 -15.27
C TRP B 46 9.57 -0.39 -15.01
N THR B 47 9.21 -1.49 -15.65
CA THR B 47 7.97 -2.15 -15.44
C THR B 47 8.31 -3.34 -14.58
N VAL B 48 7.74 -3.42 -13.38
CA VAL B 48 8.12 -4.48 -12.44
C VAL B 48 7.20 -5.67 -12.67
N PHE B 49 7.78 -6.84 -12.94
CA PHE B 49 6.97 -8.05 -13.09
C PHE B 49 6.99 -9.03 -11.95
N GLN B 50 7.89 -8.86 -11.00
CA GLN B 50 7.93 -9.72 -9.81
C GLN B 50 8.26 -8.80 -8.62
N ARG B 51 7.54 -9.02 -7.55
CA ARG B 51 7.85 -8.31 -6.34
C ARG B 51 7.64 -9.20 -5.11
N ARG B 52 8.71 -9.38 -4.30
CA ARG B 52 8.61 -9.96 -2.97
C ARG B 52 8.98 -8.90 -1.97
N VAL B 53 8.30 -8.85 -0.84
CA VAL B 53 8.47 -7.78 0.13
C VAL B 53 8.27 -8.22 1.60
N ASP B 54 7.48 -9.28 1.83
CA ASP B 54 7.07 -9.63 3.20
C ASP B 54 6.51 -11.03 3.44
N GLY B 55 6.48 -11.86 2.42
CA GLY B 55 6.09 -13.24 2.59
C GLY B 55 4.59 -13.38 2.71
N SER B 56 3.81 -12.34 2.42
CA SER B 56 2.38 -12.44 2.59
C SER B 56 1.74 -13.31 1.48
N VAL B 57 2.40 -13.54 0.33
CA VAL B 57 1.81 -14.29 -0.79
C VAL B 57 2.54 -15.61 -1.06
N ASP B 58 1.80 -16.67 -1.29
CA ASP B 58 2.41 -17.96 -1.62
C ASP B 58 2.90 -17.95 -3.09
N PHE B 59 4.17 -18.23 -3.30
CA PHE B 59 4.78 -18.29 -4.65
C PHE B 59 4.98 -19.72 -5.11
N TYR B 60 4.61 -20.67 -4.26
CA TYR B 60 4.71 -22.09 -4.62
C TYR B 60 3.44 -22.50 -5.39
N ARG B 61 3.37 -22.08 -6.63
CA ARG B 61 2.13 -22.22 -7.41
C ARG B 61 2.26 -23.00 -8.69
N ASP B 62 1.12 -23.37 -9.24
CA ASP B 62 1.10 -24.23 -10.36
C ASP B 62 1.29 -23.44 -11.69
N TRP B 63 1.35 -24.18 -12.79
CA TRP B 63 1.58 -23.61 -14.10
C TRP B 63 0.54 -22.55 -14.53
N ALA B 64 -0.75 -22.89 -14.39
CA ALA B 64 -1.86 -21.99 -14.77
C ALA B 64 -1.84 -20.72 -13.92
N THR B 65 -1.42 -20.83 -12.67
CA THR B 65 -1.37 -19.65 -11.80
C THR B 65 -0.21 -18.73 -12.24
N TYR B 66 0.95 -19.29 -12.54
CA TYR B 66 2.08 -18.49 -13.06
C TYR B 66 1.80 -17.92 -14.47
N LYS B 67 1.04 -18.63 -15.26
CA LYS B 67 0.64 -18.18 -16.58
C LYS B 67 -0.17 -16.89 -16.50
N GLN B 68 -1.16 -16.85 -15.63
CA GLN B 68 -2.07 -15.70 -15.55
C GLN B 68 -1.64 -14.57 -14.60
N GLY B 69 -0.69 -14.86 -13.72
CA GLY B 69 -0.27 -13.90 -12.72
C GLY B 69 -1.06 -14.10 -11.43
N PHE B 70 -0.50 -13.60 -10.33
CA PHE B 70 -1.08 -13.79 -8.99
C PHE B 70 -0.47 -12.84 -7.98
N GLY B 71 -1.20 -12.58 -6.93
CA GLY B 71 -0.74 -11.78 -5.87
C GLY B 71 -1.54 -10.52 -5.77
N SER B 72 -0.87 -9.44 -5.36
CA SER B 72 -1.58 -8.23 -4.99
C SER B 72 -0.81 -6.97 -5.38
N ARG B 73 -1.56 -6.01 -5.88
CA ARG B 73 -0.98 -4.72 -6.18
C ARG B 73 -0.56 -3.94 -4.96
N LEU B 74 -1.14 -4.26 -3.80
CA LEU B 74 -0.72 -3.70 -2.52
C LEU B 74 0.54 -4.37 -1.96
N GLY B 75 1.12 -5.35 -2.64
CA GLY B 75 2.27 -6.03 -2.11
C GLY B 75 3.01 -6.92 -3.06
N GLU B 76 2.92 -8.21 -2.85
CA GLU B 76 3.73 -9.14 -3.61
C GLU B 76 2.94 -9.66 -4.77
N PHE B 77 3.63 -9.92 -5.87
CA PHE B 77 2.97 -10.43 -7.06
C PHE B 77 3.98 -11.03 -8.05
N TRP B 78 3.44 -11.92 -8.87
CA TRP B 78 4.00 -12.28 -10.20
C TRP B 78 3.01 -11.83 -11.30
N LEU B 79 3.53 -11.14 -12.31
CA LEU B 79 2.69 -10.42 -13.20
C LEU B 79 1.99 -11.38 -14.10
N GLY B 80 2.61 -12.54 -14.32
CA GLY B 80 2.04 -13.57 -15.20
C GLY B 80 2.90 -13.82 -16.43
N ASN B 81 3.15 -15.09 -16.74
CA ASN B 81 4.02 -15.40 -17.85
C ASN B 81 3.50 -14.92 -19.19
N ASP B 82 2.21 -15.01 -19.46
CA ASP B 82 1.66 -14.41 -20.73
C ASP B 82 1.94 -12.91 -20.83
N ASN B 83 1.76 -12.19 -19.73
CA ASN B 83 2.02 -10.75 -19.73
C ASN B 83 3.50 -10.40 -19.91
N ILE B 84 4.36 -11.22 -19.30
CA ILE B 84 5.79 -11.00 -19.36
C ILE B 84 6.25 -11.30 -20.78
N HIS B 85 5.72 -12.36 -21.36
CA HIS B 85 6.01 -12.60 -22.75
C HIS B 85 5.58 -11.40 -23.61
N ALA B 86 4.37 -10.94 -23.43
CA ALA B 86 3.83 -9.87 -24.29
C ALA B 86 4.62 -8.56 -24.11
N LEU B 87 5.05 -8.30 -22.88
CA LEU B 87 5.90 -7.15 -22.58
C LEU B 87 7.26 -7.24 -23.22
N THR B 88 7.81 -8.43 -23.35
CA THR B 88 9.19 -8.51 -23.77
C THR B 88 9.38 -9.05 -25.18
N ALA B 89 8.32 -9.36 -25.90
CA ALA B 89 8.50 -10.02 -27.18
C ALA B 89 9.10 -9.05 -28.20
N GLN B 90 8.45 -7.90 -28.39
CA GLN B 90 8.85 -6.91 -29.42
C GLN B 90 10.19 -6.19 -29.08
N GLY B 91 11.30 -6.88 -29.35
CA GLY B 91 12.67 -6.28 -29.32
C GLY B 91 13.52 -6.50 -28.07
N THR B 92 14.04 -5.38 -27.53
CA THR B 92 15.06 -5.39 -26.46
C THR B 92 14.64 -4.59 -25.21
N SER B 93 14.06 -5.29 -24.26
CA SER B 93 13.97 -4.84 -22.88
C SER B 93 15.24 -5.24 -22.17
N GLU B 94 15.89 -4.30 -21.47
CA GLU B 94 16.85 -4.62 -20.38
C GLU B 94 16.12 -5.24 -19.20
N LEU B 95 16.82 -6.08 -18.44
CA LEU B 95 16.34 -6.63 -17.20
C LEU B 95 17.17 -6.05 -16.07
N ARG B 96 16.49 -5.64 -15.01
CA ARG B 96 17.14 -5.31 -13.76
C ARG B 96 16.54 -6.14 -12.63
N THR B 97 17.40 -6.72 -11.79
CA THR B 97 17.01 -7.43 -10.61
C THR B 97 17.49 -6.67 -9.39
N ASP B 98 16.54 -6.28 -8.52
CA ASP B 98 16.84 -5.54 -7.29
C ASP B 98 16.57 -6.45 -6.07
N LEU B 99 17.55 -6.52 -5.17
CA LEU B 99 17.49 -7.37 -3.97
C LEU B 99 17.84 -6.55 -2.75
N VAL B 100 17.04 -6.69 -1.68
CA VAL B 100 17.38 -6.08 -0.41
C VAL B 100 17.44 -7.17 0.68
N ASP B 101 18.49 -7.13 1.49
CA ASP B 101 18.64 -8.09 2.56
C ASP B 101 18.03 -7.57 3.83
N PHE B 102 18.10 -8.36 4.92
CA PHE B 102 17.46 -7.93 6.20
C PHE B 102 18.16 -6.84 6.95
N GLU B 103 19.42 -6.53 6.63
CA GLU B 103 20.09 -5.32 7.09
C GLU B 103 19.89 -4.10 6.18
N ASP B 104 18.83 -4.10 5.37
CA ASP B 104 18.55 -3.08 4.34
C ASP B 104 19.73 -2.79 3.42
N ASN B 105 20.53 -3.76 3.08
CA ASN B 105 21.57 -3.54 2.09
C ASN B 105 21.03 -3.92 0.71
N TYR B 106 21.22 -3.02 -0.24
CA TYR B 106 20.81 -3.20 -1.63
C TYR B 106 21.89 -3.85 -2.50
N GLN B 107 21.51 -4.86 -3.28
CA GLN B 107 22.35 -5.39 -4.37
C GLN B 107 21.53 -5.43 -5.67
N PHE B 108 22.18 -5.49 -6.84
CA PHE B 108 21.40 -5.57 -8.09
C PHE B 108 22.19 -6.32 -9.15
N ALA B 109 21.48 -6.80 -10.16
CA ALA B 109 22.04 -7.35 -11.37
C ALA B 109 21.30 -6.81 -12.59
N LYS B 110 22.05 -6.48 -13.65
CA LYS B 110 21.50 -5.90 -14.87
C LYS B 110 21.94 -6.67 -16.10
N TYR B 111 20.99 -7.01 -16.94
CA TYR B 111 21.24 -7.76 -18.17
C TYR B 111 20.79 -6.97 -19.36
N ARG B 112 21.50 -7.10 -20.47
CA ARG B 112 21.27 -6.28 -21.67
C ARG B 112 19.90 -6.48 -22.33
N SER B 113 19.41 -7.71 -22.32
CA SER B 113 18.22 -8.06 -23.00
C SER B 113 17.59 -9.17 -22.23
N PHE B 114 16.30 -9.23 -22.29
CA PHE B 114 15.60 -10.23 -21.58
C PHE B 114 14.26 -10.40 -22.25
N LYS B 115 13.98 -11.64 -22.59
CA LYS B 115 12.63 -11.97 -22.94
C LYS B 115 12.31 -13.41 -22.58
N VAL B 116 11.02 -13.66 -22.46
CA VAL B 116 10.56 -15.02 -22.30
C VAL B 116 9.67 -15.30 -23.50
N ALA B 117 9.75 -16.53 -24.00
CA ALA B 117 8.97 -16.92 -25.18
C ALA B 117 7.54 -17.21 -24.76
N ASP B 118 6.71 -17.67 -25.69
CA ASP B 118 5.28 -17.91 -25.40
C ASP B 118 5.08 -19.29 -24.73
N GLU B 119 3.82 -19.62 -24.42
CA GLU B 119 3.50 -20.84 -23.69
C GLU B 119 3.97 -22.10 -24.44
N ALA B 120 3.86 -22.08 -25.76
CA ALA B 120 4.25 -23.22 -26.57
C ALA B 120 5.74 -23.52 -26.43
N GLU B 121 6.55 -22.48 -26.22
CA GLU B 121 7.98 -22.67 -25.98
C GLU B 121 8.24 -22.66 -24.48
N LYS B 122 7.17 -22.85 -23.70
CA LYS B 122 7.28 -23.02 -22.25
C LYS B 122 8.00 -21.83 -21.58
N TYR B 123 7.66 -20.64 -22.05
CA TYR B 123 8.18 -19.40 -21.50
C TYR B 123 9.68 -19.45 -21.35
N ASN B 124 10.31 -20.05 -22.33
CA ASN B 124 11.76 -20.14 -22.42
C ASN B 124 12.43 -18.81 -22.09
N LEU B 125 13.52 -18.84 -21.31
CA LEU B 125 14.29 -17.62 -21.02
C LEU B 125 15.32 -17.27 -22.12
N VAL B 126 15.25 -16.05 -22.61
CA VAL B 126 16.23 -15.56 -23.58
C VAL B 126 16.90 -14.35 -22.98
N LEU B 127 18.16 -14.52 -22.56
CA LEU B 127 18.78 -13.55 -21.71
C LEU B 127 20.03 -13.05 -22.36
N GLY B 128 20.23 -11.74 -22.38
CA GLY B 128 21.40 -11.12 -23.06
C GLY B 128 22.56 -11.13 -22.07
N ALA B 129 23.65 -10.44 -22.38
CA ALA B 129 24.82 -10.40 -21.49
C ALA B 129 24.59 -9.63 -20.17
N PHE B 130 25.35 -10.06 -19.17
CA PHE B 130 25.43 -9.38 -17.92
C PHE B 130 26.16 -8.06 -18.16
N VAL B 131 25.58 -6.94 -17.70
CA VAL B 131 26.30 -5.67 -17.79
C VAL B 131 27.04 -5.34 -16.49
N GLU B 132 26.39 -5.49 -15.35
CA GLU B 132 26.97 -5.10 -14.07
C GLU B 132 25.99 -5.38 -12.94
N GLY B 133 26.48 -5.22 -11.72
CA GLY B 133 25.67 -5.31 -10.57
C GLY B 133 26.36 -6.01 -9.44
N SER B 134 26.17 -5.42 -8.26
CA SER B 134 26.74 -5.90 -7.05
C SER B 134 26.28 -7.32 -6.66
N ALA B 135 25.17 -7.81 -7.14
CA ALA B 135 24.76 -9.14 -6.73
C ALA B 135 25.45 -10.23 -7.50
N GLY B 136 26.16 -9.84 -8.54
CA GLY B 136 26.74 -10.74 -9.49
C GLY B 136 25.68 -11.39 -10.36
N ASP B 137 26.17 -12.26 -11.26
CA ASP B 137 25.35 -12.89 -12.30
C ASP B 137 24.95 -14.26 -11.87
N SER B 138 23.67 -14.42 -11.58
CA SER B 138 23.13 -15.74 -11.22
C SER B 138 21.89 -16.01 -12.04
N LEU B 139 21.91 -15.53 -13.29
CA LEU B 139 20.82 -15.80 -14.23
C LEU B 139 21.27 -16.33 -15.60
N THR B 140 22.48 -15.97 -16.02
CA THR B 140 23.02 -16.49 -17.25
C THR B 140 23.04 -18.00 -17.23
N PHE B 141 23.37 -18.62 -16.10
CA PHE B 141 23.33 -20.06 -16.02
C PHE B 141 22.01 -20.60 -16.56
N HIS B 142 20.93 -19.88 -16.33
CA HIS B 142 19.58 -20.27 -16.74
C HIS B 142 19.19 -19.89 -18.18
N ASN B 143 20.09 -19.32 -18.94
CA ASN B 143 19.75 -18.93 -20.31
C ASN B 143 19.22 -20.12 -21.11
N ASN B 144 18.15 -19.90 -21.86
CA ASN B 144 17.67 -20.83 -22.85
C ASN B 144 17.06 -22.06 -22.20
N GLN B 145 16.29 -21.84 -21.15
CA GLN B 145 15.55 -22.93 -20.51
C GLN B 145 14.06 -22.60 -20.34
N SER B 146 13.25 -23.64 -20.50
CA SER B 146 11.86 -23.57 -20.17
C SER B 146 11.64 -23.24 -18.70
N PHE B 147 10.51 -22.59 -18.46
CA PHE B 147 10.00 -22.32 -17.17
C PHE B 147 9.38 -23.60 -16.71
N SER B 148 9.52 -23.87 -15.42
CA SER B 148 8.96 -25.03 -14.74
C SER B 148 8.22 -24.62 -13.48
N THR B 149 7.13 -25.33 -13.19
CA THR B 149 6.44 -25.27 -11.92
C THR B 149 6.28 -26.69 -11.36
N LYS B 150 5.76 -26.81 -10.13
CA LYS B 150 5.64 -28.15 -9.47
C LYS B 150 4.92 -29.18 -10.33
N ASP B 151 3.88 -28.74 -11.03
CA ASP B 151 3.01 -29.60 -11.86
C ASP B 151 3.43 -29.74 -13.35
N GLN B 152 4.51 -29.06 -13.78
CA GLN B 152 5.01 -29.11 -15.17
C GLN B 152 6.53 -28.96 -15.17
N ASP B 153 7.15 -30.10 -15.21
CA ASP B 153 8.56 -30.24 -14.97
C ASP B 153 9.18 -30.14 -16.37
N ASN B 154 9.72 -28.97 -16.73
CA ASN B 154 10.45 -28.88 -17.98
C ASN B 154 11.98 -28.78 -17.76
N ASP B 155 12.46 -29.28 -16.62
CA ASP B 155 13.86 -29.08 -16.16
C ASP B 155 14.80 -30.19 -16.57
N LEU B 156 16.09 -29.98 -16.40
CA LEU B 156 17.07 -31.00 -16.76
C LEU B 156 17.46 -31.94 -15.60
N ASN B 157 16.57 -32.12 -14.63
CA ASN B 157 16.85 -32.99 -13.48
C ASN B 157 16.04 -34.27 -13.56
N THR B 158 16.59 -35.35 -13.03
CA THR B 158 15.91 -36.63 -13.03
C THR B 158 14.59 -36.51 -12.26
N GLY B 159 14.67 -35.69 -11.22
CA GLY B 159 13.52 -35.19 -10.45
C GLY B 159 12.90 -33.80 -10.83
N ASN B 160 12.18 -33.33 -9.80
CA ASN B 160 11.34 -32.16 -9.77
C ASN B 160 11.96 -30.99 -8.90
N CYS B 161 12.68 -30.16 -9.67
CA CYS B 161 13.34 -28.97 -9.12
C CYS B 161 12.42 -28.01 -8.42
N ALA B 162 11.24 -27.79 -8.99
CA ALA B 162 10.25 -26.88 -8.43
C ALA B 162 9.82 -27.36 -7.03
N VAL B 163 9.70 -28.66 -6.85
CA VAL B 163 9.30 -29.24 -5.61
C VAL B 163 10.47 -29.25 -4.63
N MET B 164 11.65 -29.59 -5.12
CA MET B 164 12.87 -29.72 -4.31
C MET B 164 13.31 -28.35 -3.77
N PHE B 165 13.04 -27.28 -4.51
CA PHE B 165 13.42 -25.92 -4.10
C PHE B 165 12.24 -24.97 -3.88
N GLN B 166 11.03 -25.52 -3.84
CA GLN B 166 9.77 -24.84 -3.52
C GLN B 166 9.61 -23.48 -4.21
N GLY B 167 9.71 -23.52 -5.51
CA GLY B 167 9.65 -22.33 -6.33
C GLY B 167 9.09 -22.59 -7.70
N ALA B 168 9.32 -21.63 -8.61
CA ALA B 168 8.97 -21.73 -10.02
C ALA B 168 9.95 -20.90 -10.79
N TRP B 169 10.61 -21.48 -11.77
CA TRP B 169 11.74 -20.84 -12.34
C TRP B 169 12.15 -21.62 -13.58
N TRP B 170 13.18 -21.10 -14.21
CA TRP B 170 13.76 -21.68 -15.40
C TRP B 170 14.83 -22.69 -14.98
N TYR B 171 14.39 -23.68 -14.22
CA TYR B 171 15.31 -24.62 -13.62
C TYR B 171 15.99 -25.48 -14.64
N LYS B 172 17.30 -25.68 -14.43
CA LYS B 172 18.09 -26.69 -15.16
C LYS B 172 18.40 -27.83 -14.23
N ASN B 173 19.56 -27.82 -13.57
CA ASN B 173 19.89 -28.94 -12.66
C ASN B 173 20.70 -28.55 -11.38
N CYS B 174 20.06 -27.81 -10.46
CA CYS B 174 18.71 -27.23 -10.63
C CYS B 174 18.75 -25.72 -10.82
N HIS B 175 19.48 -25.01 -9.97
CA HIS B 175 19.45 -23.56 -10.03
C HIS B 175 20.63 -22.84 -9.37
N THR B 176 20.81 -21.61 -9.80
N THR B 176 20.87 -21.61 -9.84
CA THR B 176 21.73 -20.67 -9.20
CA THR B 176 21.73 -20.62 -9.18
C THR B 176 20.97 -19.40 -8.72
C THR B 176 20.93 -19.42 -8.65
N SER B 177 19.70 -19.24 -9.12
CA SER B 177 18.82 -18.26 -8.56
C SER B 177 17.45 -18.87 -8.34
N ASN B 178 16.69 -18.32 -7.41
CA ASN B 178 15.41 -18.92 -7.03
C ASN B 178 14.46 -17.88 -6.45
N LEU B 179 14.23 -16.84 -7.23
CA LEU B 179 13.65 -15.64 -6.65
C LEU B 179 12.17 -15.78 -6.36
N ASN B 180 11.59 -16.87 -6.86
CA ASN B 180 10.19 -17.24 -6.53
C ASN B 180 10.15 -18.36 -5.47
N GLY B 181 11.22 -18.51 -4.72
CA GLY B 181 11.28 -19.50 -3.66
C GLY B 181 10.59 -18.98 -2.43
N ARG B 182 10.72 -19.73 -1.37
CA ARG B 182 10.05 -19.45 -0.13
C ARG B 182 10.66 -18.27 0.56
N TYR B 183 9.81 -17.53 1.24
CA TYR B 183 10.19 -16.33 1.96
C TYR B 183 10.72 -16.69 3.34
N LEU B 184 11.96 -17.14 3.38
CA LEU B 184 12.51 -17.71 4.62
C LEU B 184 13.11 -16.75 5.63
N ARG B 185 13.31 -15.50 5.22
N ARG B 185 13.26 -15.47 5.33
CA ARG B 185 13.63 -14.41 6.16
CA ARG B 185 13.69 -14.50 6.39
C ARG B 185 15.08 -14.47 6.68
C ARG B 185 15.17 -14.57 6.71
N GLY B 186 16.04 -14.20 5.79
CA GLY B 186 17.44 -14.11 6.17
C GLY B 186 18.11 -15.44 6.04
N THR B 187 19.11 -15.70 6.85
N THR B 187 19.09 -15.69 6.88
CA THR B 187 19.81 -16.96 6.71
CA THR B 187 19.81 -16.96 6.88
C THR B 187 18.98 -18.14 7.20
C THR B 187 18.89 -18.14 7.17
N HIS B 188 19.16 -19.28 6.52
CA HIS B 188 18.39 -20.49 6.74
C HIS B 188 19.28 -21.71 6.49
N GLY B 189 19.21 -22.67 7.36
CA GLY B 189 19.93 -23.93 7.19
C GLY B 189 19.52 -24.68 5.93
N SER B 190 18.24 -24.60 5.56
CA SER B 190 17.70 -25.38 4.46
C SER B 190 18.37 -24.95 3.15
N PHE B 191 18.69 -25.91 2.29
CA PHE B 191 19.42 -25.62 1.07
C PHE B 191 18.66 -25.09 -0.14
N ALA B 192 18.89 -23.83 -0.54
CA ALA B 192 18.66 -23.37 -1.94
C ALA B 192 17.12 -23.22 -2.16
N ASN B 193 16.33 -23.24 -1.09
CA ASN B 193 14.89 -23.14 -1.25
C ASN B 193 14.26 -21.82 -0.83
N GLY B 194 15.06 -20.79 -0.61
CA GLY B 194 14.50 -19.46 -0.31
C GLY B 194 14.58 -18.52 -1.50
N ILE B 195 14.42 -17.24 -1.24
CA ILE B 195 14.59 -16.23 -2.26
C ILE B 195 16.09 -16.05 -2.41
N ASN B 196 16.72 -16.89 -3.21
CA ASN B 196 18.16 -17.00 -3.21
C ASN B 196 18.74 -16.59 -4.54
N TRP B 197 19.92 -15.99 -4.47
CA TRP B 197 20.75 -15.60 -5.59
C TRP B 197 22.19 -16.03 -5.23
N LYS B 198 22.69 -17.04 -5.91
CA LYS B 198 23.90 -17.69 -5.47
C LYS B 198 25.11 -16.75 -5.33
N SER B 199 25.34 -15.94 -6.36
CA SER B 199 26.51 -15.05 -6.36
C SER B 199 26.30 -13.87 -5.38
N GLY B 200 25.08 -13.70 -4.87
CA GLY B 200 24.73 -12.54 -4.05
C GLY B 200 24.98 -12.88 -2.61
N LYS B 201 23.96 -13.36 -1.92
CA LYS B 201 24.12 -13.81 -0.54
C LYS B 201 24.16 -15.32 -0.39
N GLY B 202 24.01 -16.06 -1.47
CA GLY B 202 24.25 -17.53 -1.47
C GLY B 202 22.99 -18.35 -1.39
N TYR B 203 23.17 -19.65 -1.33
CA TYR B 203 22.11 -20.63 -1.26
C TYR B 203 21.39 -20.74 0.10
N ASN B 204 21.87 -20.05 1.12
CA ASN B 204 21.32 -20.14 2.47
C ASN B 204 20.94 -18.74 3.05
N TYR B 205 20.61 -17.82 2.16
CA TYR B 205 20.12 -16.51 2.58
C TYR B 205 18.98 -16.05 1.69
N SER B 206 17.82 -15.76 2.30
CA SER B 206 16.61 -15.43 1.58
C SER B 206 16.37 -13.95 1.75
N TYR B 207 16.37 -13.23 0.62
CA TYR B 207 16.29 -11.78 0.69
C TYR B 207 14.97 -11.27 1.29
N LYS B 208 15.02 -10.06 1.79
CA LYS B 208 13.83 -9.36 2.22
C LYS B 208 12.97 -8.81 1.05
N VAL B 209 13.67 -8.27 0.05
CA VAL B 209 12.98 -7.70 -1.07
C VAL B 209 13.63 -8.26 -2.32
N SER B 210 12.80 -8.69 -3.23
CA SER B 210 13.23 -9.04 -4.56
C SER B 210 12.33 -8.25 -5.56
N GLU B 211 12.90 -7.66 -6.61
CA GLU B 211 12.07 -7.11 -7.71
C GLU B 211 12.75 -7.40 -9.02
N MET B 212 11.98 -7.89 -9.97
CA MET B 212 12.43 -8.11 -11.33
C MET B 212 11.65 -7.14 -12.25
N LYS B 213 12.38 -6.43 -13.10
CA LYS B 213 11.80 -5.38 -13.86
C LYS B 213 12.48 -5.13 -15.20
N VAL B 214 11.71 -4.54 -16.12
CA VAL B 214 12.13 -4.41 -17.50
C VAL B 214 11.92 -3.01 -18.03
N ARG B 215 12.78 -2.66 -18.97
CA ARG B 215 12.74 -1.34 -19.65
C ARG B 215 13.29 -1.44 -21.07
N PRO B 216 12.72 -0.73 -22.05
CA PRO B 216 13.22 -0.70 -23.44
C PRO B 216 14.73 -0.48 -23.55
N GLY C 5 -20.49 -3.34 -17.76
CA GLY C 5 -19.73 -2.94 -16.54
C GLY C 5 -19.73 -3.99 -15.41
N PRO C 6 -18.57 -4.25 -14.80
CA PRO C 6 -18.54 -5.28 -13.78
C PRO C 6 -19.37 -4.94 -12.52
N ARG C 7 -20.14 -5.93 -12.07
CA ARG C 7 -21.03 -5.80 -10.91
C ARG C 7 -20.25 -6.04 -9.65
N THR C 8 -19.33 -6.99 -9.71
CA THR C 8 -18.66 -7.49 -8.54
C THR C 8 -17.21 -7.78 -8.82
N CYS C 9 -16.47 -8.05 -7.76
CA CYS C 9 -15.09 -8.49 -7.90
C CYS C 9 -14.99 -9.83 -8.63
N LYS C 10 -15.98 -10.71 -8.42
CA LYS C 10 -16.09 -11.94 -9.19
C LYS C 10 -16.13 -11.73 -10.71
N ASP C 11 -16.87 -10.75 -11.19
CA ASP C 11 -16.90 -10.39 -12.62
C ASP C 11 -15.57 -9.93 -13.16
N LEU C 12 -14.86 -9.14 -12.36
CA LEU C 12 -13.50 -8.70 -12.69
C LEU C 12 -12.52 -9.86 -12.83
N LEU C 13 -12.63 -10.82 -11.92
CA LEU C 13 -11.83 -12.04 -11.99
C LEU C 13 -12.15 -12.82 -13.25
N ASP C 14 -13.44 -13.00 -13.53
CA ASP C 14 -13.85 -13.69 -14.76
C ASP C 14 -13.40 -12.95 -16.01
N ARG C 15 -13.23 -11.62 -15.92
CA ARG C 15 -12.66 -10.85 -17.04
C ARG C 15 -11.15 -10.82 -17.14
N GLY C 16 -10.46 -11.52 -16.26
CA GLY C 16 -9.00 -11.62 -16.34
C GLY C 16 -8.20 -10.61 -15.52
N HIS C 17 -8.78 -10.08 -14.45
CA HIS C 17 -8.03 -9.30 -13.44
C HIS C 17 -7.56 -10.23 -12.32
N PHE C 18 -6.33 -10.70 -12.42
CA PHE C 18 -5.90 -11.74 -11.49
C PHE C 18 -5.16 -11.25 -10.26
N LEU C 19 -4.90 -9.95 -10.20
CA LEU C 19 -4.21 -9.35 -9.07
C LEU C 19 -5.22 -8.71 -8.14
N SER C 20 -5.07 -8.94 -6.84
CA SER C 20 -5.84 -8.20 -5.86
C SER C 20 -5.51 -6.71 -5.90
N GLY C 21 -6.50 -5.92 -5.55
CA GLY C 21 -6.40 -4.51 -5.68
C GLY C 21 -7.73 -3.85 -5.82
N TRP C 22 -7.66 -2.51 -5.86
CA TRP C 22 -8.79 -1.62 -5.87
C TRP C 22 -9.24 -1.50 -7.31
N HIS C 23 -10.54 -1.75 -7.51
CA HIS C 23 -11.17 -1.63 -8.81
C HIS C 23 -12.56 -1.00 -8.63
N THR C 24 -13.05 -0.40 -9.69
CA THR C 24 -14.37 0.23 -9.60
C THR C 24 -15.39 -0.79 -10.11
N ILE C 25 -16.42 -0.99 -9.33
CA ILE C 25 -17.53 -1.82 -9.76
C ILE C 25 -18.80 -0.94 -9.79
N TYR C 26 -19.87 -1.49 -10.35
CA TYR C 26 -21.13 -0.76 -10.44
C TYR C 26 -22.23 -1.42 -9.65
N LEU C 27 -22.74 -0.67 -8.68
CA LEU C 27 -23.84 -1.14 -7.84
C LEU C 27 -25.14 -1.09 -8.65
N PRO C 28 -26.17 -1.87 -8.24
CA PRO C 28 -27.42 -1.99 -9.03
C PRO C 28 -27.98 -0.70 -9.67
N ASP C 29 -27.87 0.43 -8.97
CA ASP C 29 -28.34 1.74 -9.49
C ASP C 29 -27.40 2.38 -10.53
N CYS C 30 -26.25 1.71 -10.73
CA CYS C 30 -25.16 2.18 -11.59
C CYS C 30 -24.31 3.30 -10.95
N ARG C 31 -24.32 3.40 -9.62
CA ARG C 31 -23.32 4.23 -8.94
C ARG C 31 -21.99 3.43 -8.92
N PRO C 32 -20.90 4.07 -9.36
CA PRO C 32 -19.57 3.46 -9.28
C PRO C 32 -19.03 3.44 -7.86
N LEU C 33 -18.38 2.35 -7.48
CA LEU C 33 -17.74 2.25 -6.17
C LEU C 33 -16.41 1.56 -6.37
N THR C 34 -15.35 2.15 -5.83
CA THR C 34 -14.01 1.60 -5.92
C THR C 34 -13.87 0.70 -4.73
N VAL C 35 -13.71 -0.58 -5.00
CA VAL C 35 -13.63 -1.55 -3.93
C VAL C 35 -12.37 -2.38 -4.03
N LEU C 36 -12.03 -2.97 -2.91
CA LEU C 36 -10.84 -3.85 -2.83
C LEU C 36 -11.25 -5.26 -3.16
N CYS C 37 -10.68 -5.81 -4.22
CA CYS C 37 -10.93 -7.19 -4.65
C CYS C 37 -9.81 -8.15 -4.13
N ASP C 38 -10.21 -9.19 -3.47
CA ASP C 38 -9.28 -10.27 -3.10
C ASP C 38 -9.46 -11.33 -4.16
N MET C 39 -8.46 -11.44 -5.03
CA MET C 39 -8.46 -12.38 -6.13
C MET C 39 -7.68 -13.66 -5.79
N ASP C 40 -7.22 -13.79 -4.55
CA ASP C 40 -6.43 -14.96 -4.18
C ASP C 40 -7.17 -15.94 -3.26
N THR C 41 -7.87 -15.46 -2.24
CA THR C 41 -8.41 -16.32 -1.21
C THR C 41 -9.57 -17.13 -1.70
N ASP C 42 -9.55 -18.44 -1.43
CA ASP C 42 -10.67 -19.33 -1.64
C ASP C 42 -11.33 -19.13 -2.99
N GLY C 43 -10.48 -19.09 -4.02
CA GLY C 43 -10.96 -19.02 -5.40
C GLY C 43 -11.02 -17.59 -5.92
N GLY C 44 -10.95 -16.61 -5.01
CA GLY C 44 -10.99 -15.21 -5.40
C GLY C 44 -12.36 -14.67 -5.81
N GLY C 45 -12.39 -13.38 -6.14
CA GLY C 45 -13.60 -12.70 -6.50
C GLY C 45 -14.38 -12.13 -5.35
N TRP C 46 -13.70 -11.93 -4.19
CA TRP C 46 -14.33 -11.39 -2.99
C TRP C 46 -14.19 -9.90 -2.97
N THR C 47 -15.22 -9.23 -2.47
CA THR C 47 -15.21 -7.80 -2.28
C THR C 47 -15.02 -7.56 -0.83
N VAL C 48 -13.95 -6.88 -0.48
CA VAL C 48 -13.61 -6.72 0.93
C VAL C 48 -14.24 -5.46 1.51
N PHE C 49 -15.05 -5.59 2.56
CA PHE C 49 -15.70 -4.41 3.12
C PHE C 49 -15.19 -4.01 4.47
N GLN C 50 -14.37 -4.85 5.09
CA GLN C 50 -13.65 -4.47 6.32
C GLN C 50 -12.22 -4.99 6.27
N ARG C 51 -11.30 -4.17 6.74
CA ARG C 51 -9.91 -4.56 6.78
C ARG C 51 -9.19 -3.91 7.95
N ARG C 52 -8.63 -4.73 8.82
CA ARG C 52 -7.72 -4.30 9.87
C ARG C 52 -6.38 -4.96 9.63
N VAL C 53 -5.30 -4.21 9.84
CA VAL C 53 -3.98 -4.71 9.46
C VAL C 53 -2.84 -4.24 10.39
N ASP C 54 -2.99 -3.07 11.02
CA ASP C 54 -1.91 -2.45 11.77
C ASP C 54 -2.31 -1.39 12.81
N GLY C 55 -3.60 -1.14 13.00
CA GLY C 55 -4.06 -0.22 14.02
C GLY C 55 -3.87 1.25 13.68
N SER C 56 -3.55 1.52 12.42
CA SER C 56 -3.35 2.91 12.00
C SER C 56 -4.66 3.73 11.93
N VAL C 57 -5.82 3.08 11.88
CA VAL C 57 -7.10 3.79 11.77
C VAL C 57 -7.98 3.56 13.00
N ASP C 58 -8.58 4.62 13.52
CA ASP C 58 -9.50 4.54 14.62
C ASP C 58 -10.85 3.97 14.15
N PHE C 59 -11.30 2.86 14.74
CA PHE C 59 -12.59 2.26 14.40
C PHE C 59 -13.64 2.56 15.44
N TYR C 60 -13.28 3.33 16.46
CA TYR C 60 -14.26 3.73 17.47
C TYR C 60 -15.00 4.96 16.98
N ARG C 61 -15.92 4.78 16.04
CA ARG C 61 -16.53 5.92 15.37
C ARG C 61 -18.03 5.97 15.48
N ASP C 62 -18.56 7.13 15.10
CA ASP C 62 -19.98 7.39 15.26
C ASP C 62 -20.80 6.84 14.10
N TRP C 63 -22.13 6.92 14.25
CA TRP C 63 -23.07 6.37 13.27
C TRP C 63 -22.87 6.88 11.84
N ALA C 64 -22.78 8.19 11.68
CA ALA C 64 -22.62 8.83 10.38
C ALA C 64 -21.29 8.42 9.67
N THR C 65 -20.27 8.15 10.47
CA THR C 65 -18.97 7.75 9.92
C THR C 65 -19.03 6.27 9.48
N TYR C 66 -19.69 5.42 10.26
CA TYR C 66 -19.93 4.03 9.81
C TYR C 66 -20.89 3.93 8.62
N LYS C 67 -21.82 4.87 8.52
CA LYS C 67 -22.73 4.93 7.42
C LYS C 67 -22.01 5.19 6.10
N GLN C 68 -21.17 6.21 6.08
CA GLN C 68 -20.50 6.61 4.83
C GLN C 68 -19.20 5.87 4.52
N GLY C 69 -18.64 5.18 5.52
CA GLY C 69 -17.33 4.50 5.39
C GLY C 69 -16.19 5.42 5.80
N PHE C 70 -15.04 4.82 6.10
CA PHE C 70 -13.89 5.55 6.58
C PHE C 70 -12.66 4.67 6.46
N GLY C 71 -11.51 5.32 6.54
CA GLY C 71 -10.23 4.67 6.53
C GLY C 71 -9.52 4.98 5.24
N SER C 72 -8.71 4.05 4.81
CA SER C 72 -7.81 4.30 3.70
C SER C 72 -7.68 3.08 2.82
N ARG C 73 -7.57 3.33 1.52
CA ARG C 73 -7.30 2.27 0.58
C ARG C 73 -5.87 1.70 0.70
N LEU C 74 -4.96 2.50 1.26
CA LEU C 74 -3.59 2.07 1.58
C LEU C 74 -3.50 1.18 2.85
N GLY C 75 -4.60 1.01 3.57
CA GLY C 75 -4.66 -0.01 4.63
C GLY C 75 -6.02 -0.38 5.19
N GLU C 76 -6.36 0.23 6.32
CA GLU C 76 -7.51 -0.22 7.10
C GLU C 76 -8.72 0.62 6.73
N PHE C 77 -9.88 -0.02 6.68
CA PHE C 77 -11.11 0.67 6.30
C PHE C 77 -12.35 -0.13 6.64
N TRP C 78 -13.43 0.61 6.76
CA TRP C 78 -14.77 0.09 6.71
C TRP C 78 -15.42 0.71 5.51
N LEU C 79 -16.02 -0.13 4.66
CA LEU C 79 -16.53 0.32 3.36
C LEU C 79 -17.75 1.25 3.52
N GLY C 80 -18.48 1.06 4.60
CA GLY C 80 -19.63 1.88 4.88
C GLY C 80 -20.90 1.06 4.81
N ASN C 81 -21.80 1.32 5.75
CA ASN C 81 -23.00 0.54 5.84
C ASN C 81 -23.94 0.72 4.64
N ASP C 82 -24.09 1.93 4.13
CA ASP C 82 -24.89 2.13 2.91
C ASP C 82 -24.32 1.32 1.74
N ASN C 83 -22.99 1.32 1.56
CA ASN C 83 -22.37 0.56 0.48
C ASN C 83 -22.50 -0.94 0.65
N ILE C 84 -22.34 -1.40 1.89
CA ILE C 84 -22.47 -2.82 2.19
C ILE C 84 -23.90 -3.28 1.95
N HIS C 85 -24.87 -2.45 2.32
CA HIS C 85 -26.27 -2.74 2.03
C HIS C 85 -26.48 -2.85 0.54
N ALA C 86 -26.03 -1.85 -0.20
CA ALA C 86 -26.21 -1.83 -1.64
C ALA C 86 -25.56 -3.03 -2.32
N LEU C 87 -24.39 -3.44 -1.80
CA LEU C 87 -23.67 -4.60 -2.33
C LEU C 87 -24.41 -5.89 -2.06
N THR C 88 -25.11 -5.99 -0.95
CA THR C 88 -25.67 -7.27 -0.58
C THR C 88 -27.19 -7.33 -0.73
N ALA C 89 -27.75 -6.29 -1.35
CA ALA C 89 -29.18 -6.04 -1.34
C ALA C 89 -29.94 -7.10 -2.14
N GLN C 90 -30.03 -6.93 -3.45
CA GLN C 90 -30.76 -7.90 -4.28
C GLN C 90 -29.86 -9.10 -4.59
N GLY C 91 -30.49 -10.28 -4.57
CA GLY C 91 -29.75 -11.55 -4.56
C GLY C 91 -28.97 -11.66 -3.26
N THR C 92 -28.14 -12.68 -3.16
CA THR C 92 -27.29 -12.84 -2.00
C THR C 92 -25.89 -13.30 -2.33
N SER C 93 -25.06 -13.11 -1.33
CA SER C 93 -23.64 -13.29 -1.47
C SER C 93 -23.16 -13.96 -0.20
N GLU C 94 -22.09 -14.76 -0.32
CA GLU C 94 -21.44 -15.41 0.79
C GLU C 94 -20.76 -14.34 1.64
N LEU C 95 -20.80 -14.48 2.95
CA LEU C 95 -19.96 -13.67 3.81
C LEU C 95 -18.81 -14.56 4.19
N ARG C 96 -17.61 -14.00 4.17
CA ARG C 96 -16.40 -14.64 4.64
C ARG C 96 -15.57 -13.73 5.53
N THR C 97 -15.38 -14.14 6.77
CA THR C 97 -14.48 -13.46 7.68
C THR C 97 -13.16 -14.22 7.78
N ASP C 98 -12.08 -13.52 7.42
CA ASP C 98 -10.71 -14.02 7.56
C ASP C 98 -10.04 -13.30 8.70
N LEU C 99 -9.33 -14.08 9.51
CA LEU C 99 -8.67 -13.62 10.72
C LEU C 99 -7.24 -14.13 10.72
N VAL C 100 -6.30 -13.30 11.16
CA VAL C 100 -4.93 -13.75 11.31
C VAL C 100 -4.39 -13.33 12.70
N ASP C 101 -3.95 -14.29 13.51
CA ASP C 101 -3.54 -13.94 14.86
C ASP C 101 -2.08 -13.46 14.91
N PHE C 102 -1.53 -13.31 16.13
CA PHE C 102 -0.20 -12.73 16.21
C PHE C 102 0.88 -13.74 15.90
N GLU C 103 0.51 -15.03 16.07
CA GLU C 103 1.38 -16.17 15.78
C GLU C 103 1.19 -16.67 14.34
N ASP C 104 0.33 -15.97 13.59
CA ASP C 104 0.09 -16.16 12.14
C ASP C 104 -0.84 -17.34 11.78
N ASN C 105 -1.46 -17.96 12.79
CA ASN C 105 -2.55 -18.92 12.57
C ASN C 105 -3.77 -18.28 11.90
N TYR C 106 -4.22 -18.88 10.80
CA TYR C 106 -5.47 -18.54 10.11
C TYR C 106 -6.69 -19.19 10.75
N GLN C 107 -7.65 -18.36 11.16
CA GLN C 107 -9.01 -18.86 11.27
C GLN C 107 -9.94 -18.07 10.35
N PHE C 108 -11.04 -18.71 9.96
CA PHE C 108 -12.06 -18.10 9.13
C PHE C 108 -13.45 -18.62 9.47
N ALA C 109 -14.46 -17.94 8.94
CA ALA C 109 -15.86 -18.32 9.09
C ALA C 109 -16.65 -17.85 7.87
N LYS C 110 -17.41 -18.76 7.28
CA LYS C 110 -18.10 -18.50 6.05
C LYS C 110 -19.59 -18.72 6.23
N TYR C 111 -20.38 -17.69 6.01
CA TYR C 111 -21.84 -17.80 6.02
C TYR C 111 -22.43 -17.83 4.59
N ARG C 112 -23.46 -18.64 4.41
CA ARG C 112 -24.12 -18.85 3.13
C ARG C 112 -24.64 -17.56 2.49
N SER C 113 -25.05 -16.61 3.30
CA SER C 113 -25.72 -15.42 2.81
C SER C 113 -25.52 -14.30 3.82
N PHE C 114 -25.65 -13.06 3.37
CA PHE C 114 -25.43 -11.93 4.23
C PHE C 114 -26.00 -10.69 3.60
N LYS C 115 -26.80 -9.94 4.37
CA LYS C 115 -27.04 -8.52 4.08
C LYS C 115 -27.38 -7.65 5.31
N VAL C 116 -27.45 -6.33 5.08
CA VAL C 116 -27.85 -5.36 6.10
C VAL C 116 -28.92 -4.41 5.56
N ALA C 117 -30.01 -4.21 6.30
CA ALA C 117 -31.07 -3.28 5.88
C ALA C 117 -30.60 -1.83 5.77
N ASP C 118 -31.28 -1.02 4.95
CA ASP C 118 -30.89 0.40 4.71
C ASP C 118 -31.03 1.23 5.98
N GLU C 119 -30.51 2.46 5.95
CA GLU C 119 -30.47 3.29 7.17
C GLU C 119 -31.82 3.49 7.85
N ALA C 120 -32.89 3.57 7.05
CA ALA C 120 -34.24 3.73 7.59
C ALA C 120 -34.61 2.58 8.53
N GLU C 121 -34.05 1.41 8.28
CA GLU C 121 -34.33 0.21 9.05
C GLU C 121 -33.07 -0.21 9.84
N LYS C 122 -32.29 0.81 10.26
CA LYS C 122 -30.94 0.65 10.82
C LYS C 122 -30.13 -0.23 9.87
N TYR C 123 -29.07 -0.89 10.33
CA TYR C 123 -28.32 -1.77 9.41
C TYR C 123 -28.46 -3.22 9.83
N ASN C 124 -29.64 -3.50 10.36
CA ASN C 124 -30.06 -4.83 10.71
C ASN C 124 -29.33 -5.89 9.89
N LEU C 125 -28.64 -6.77 10.61
CA LEU C 125 -27.91 -7.85 9.99
C LEU C 125 -28.90 -8.91 9.62
N VAL C 126 -29.19 -9.06 8.33
CA VAL C 126 -29.95 -10.19 7.80
C VAL C 126 -28.91 -11.17 7.24
N LEU C 127 -28.75 -12.32 7.90
CA LEU C 127 -27.60 -13.20 7.67
C LEU C 127 -28.00 -14.66 7.68
N GLY C 128 -27.54 -15.39 6.67
CA GLY C 128 -27.87 -16.81 6.54
C GLY C 128 -27.09 -17.75 7.44
N ALA C 129 -27.17 -19.03 7.09
CA ALA C 129 -26.58 -20.11 7.87
C ALA C 129 -25.07 -20.01 7.89
N PHE C 130 -24.48 -20.52 8.97
CA PHE C 130 -23.05 -20.67 9.06
C PHE C 130 -22.74 -21.89 8.21
N VAL C 131 -21.83 -21.77 7.25
CA VAL C 131 -21.54 -22.93 6.42
C VAL C 131 -20.35 -23.68 7.02
N GLU C 132 -19.30 -22.97 7.43
CA GLU C 132 -18.07 -23.62 7.83
C GLU C 132 -17.02 -22.61 8.23
N GLY C 133 -16.19 -22.99 9.17
CA GLY C 133 -15.21 -22.06 9.67
C GLY C 133 -14.37 -22.63 10.78
N SER C 134 -13.06 -22.43 10.68
CA SER C 134 -12.18 -22.73 11.80
C SER C 134 -12.38 -21.72 12.93
N ALA C 135 -12.92 -20.54 12.61
CA ALA C 135 -13.25 -19.57 13.64
C ALA C 135 -14.49 -19.91 14.53
N GLY C 136 -15.36 -20.84 13.94
CA GLY C 136 -16.66 -21.03 14.53
C GLY C 136 -17.63 -19.90 14.19
N ASP C 137 -18.92 -20.15 14.47
CA ASP C 137 -19.97 -19.17 14.26
C ASP C 137 -20.01 -18.14 15.39
N SER C 138 -19.82 -16.86 15.06
CA SER C 138 -19.98 -15.81 16.08
C SER C 138 -20.74 -14.59 15.54
N LEU C 139 -21.63 -14.82 14.57
CA LEU C 139 -22.46 -13.74 14.02
C LEU C 139 -23.97 -14.04 14.12
N THR C 140 -24.36 -15.24 13.76
CA THR C 140 -25.78 -15.62 13.81
C THR C 140 -26.44 -15.11 15.13
N PHE C 141 -25.71 -15.18 16.23
CA PHE C 141 -26.10 -14.54 17.50
C PHE C 141 -26.72 -13.15 17.26
N HIS C 142 -26.00 -12.32 16.48
CA HIS C 142 -26.41 -10.94 16.17
C HIS C 142 -27.43 -10.79 15.05
N ASN C 143 -27.98 -11.89 14.53
CA ASN C 143 -28.93 -11.77 13.44
C ASN C 143 -30.19 -11.03 13.87
N ASN C 144 -30.79 -10.30 12.93
CA ASN C 144 -32.02 -9.55 13.20
C ASN C 144 -31.77 -8.48 14.29
N GLN C 145 -30.58 -7.89 14.23
CA GLN C 145 -30.18 -6.82 15.15
C GLN C 145 -29.69 -5.60 14.43
N SER C 146 -30.06 -4.44 14.94
CA SER C 146 -29.59 -3.19 14.38
C SER C 146 -28.05 -3.17 14.48
N PHE C 147 -27.39 -2.39 13.62
CA PHE C 147 -25.99 -2.02 13.90
C PHE C 147 -26.00 -0.95 14.99
N SER C 148 -24.99 -0.92 15.85
CA SER C 148 -24.86 0.16 16.85
C SER C 148 -23.45 0.79 17.00
N THR C 149 -23.45 2.12 17.04
CA THR C 149 -22.28 2.92 17.33
C THR C 149 -22.49 3.57 18.68
N LYS C 150 -21.38 4.08 19.24
CA LYS C 150 -21.36 4.74 20.55
C LYS C 150 -22.43 5.81 20.73
N ASP C 151 -22.74 6.54 19.67
CA ASP C 151 -23.75 7.60 19.76
C ASP C 151 -25.16 7.17 19.31
N GLN C 152 -25.37 5.89 19.02
CA GLN C 152 -26.65 5.39 18.53
C GLN C 152 -27.05 4.16 19.35
N ASP C 153 -27.98 4.36 20.26
CA ASP C 153 -28.37 3.30 21.18
C ASP C 153 -29.54 2.49 20.64
N ASN C 154 -29.27 1.67 19.62
CA ASN C 154 -30.23 0.71 19.11
C ASN C 154 -30.09 -0.66 19.77
N ASP C 155 -29.06 -0.81 20.60
CA ASP C 155 -28.83 -2.03 21.39
C ASP C 155 -29.82 -2.15 22.57
N LEU C 156 -30.20 -3.39 22.84
CA LEU C 156 -31.21 -3.70 23.86
C LEU C 156 -30.64 -3.69 25.31
N ASN C 157 -29.38 -3.30 25.47
CA ASN C 157 -28.73 -3.23 26.78
C ASN C 157 -29.24 -2.08 27.65
N THR C 158 -29.22 -2.30 28.96
CA THR C 158 -29.54 -1.27 29.96
C THR C 158 -28.65 -0.04 29.79
N GLY C 159 -27.39 -0.28 29.44
CA GLY C 159 -26.46 0.77 29.04
C GLY C 159 -26.10 0.70 27.56
N ASN C 160 -24.85 1.06 27.25
CA ASN C 160 -24.35 1.15 25.88
C ASN C 160 -23.12 0.26 25.66
N CYS C 161 -23.34 -0.78 24.88
CA CYS C 161 -22.33 -1.78 24.55
C CYS C 161 -21.19 -1.14 23.76
N ALA C 162 -21.54 -0.48 22.65
CA ALA C 162 -20.55 0.21 21.83
C ALA C 162 -19.53 0.97 22.69
N VAL C 163 -20.01 1.72 23.70
CA VAL C 163 -19.09 2.39 24.60
C VAL C 163 -18.41 1.38 25.52
N MET C 164 -19.18 0.43 26.05
CA MET C 164 -18.61 -0.62 26.88
C MET C 164 -17.52 -1.42 26.17
N PHE C 165 -17.61 -1.52 24.84
CA PHE C 165 -16.74 -2.43 24.08
C PHE C 165 -15.97 -1.74 22.94
N GLN C 166 -16.07 -0.42 22.89
CA GLN C 166 -15.17 0.39 22.08
C GLN C 166 -15.09 -0.08 20.63
N GLY C 167 -16.26 -0.07 20.02
CA GLY C 167 -16.39 -0.48 18.63
C GLY C 167 -17.80 -0.24 18.16
N ALA C 168 -18.20 -1.04 17.19
CA ALA C 168 -19.52 -0.91 16.62
C ALA C 168 -19.81 -2.25 16.04
N TRP C 169 -21.06 -2.66 16.12
CA TRP C 169 -21.45 -3.97 15.70
C TRP C 169 -22.97 -4.08 15.86
N TRP C 170 -23.51 -5.21 15.41
CA TRP C 170 -24.91 -5.52 15.60
C TRP C 170 -24.96 -5.99 17.03
N TYR C 171 -25.01 -5.03 17.95
CA TYR C 171 -24.96 -5.32 19.35
C TYR C 171 -26.36 -5.64 19.82
N LYS C 172 -26.46 -6.69 20.64
CA LYS C 172 -27.72 -7.09 21.29
C LYS C 172 -27.63 -6.85 22.80
N ASN C 173 -27.07 -7.82 23.53
CA ASN C 173 -26.89 -7.72 24.98
C ASN C 173 -25.75 -8.64 25.48
N CYS C 174 -24.50 -8.42 25.03
CA CYS C 174 -24.16 -7.47 23.97
C CYS C 174 -23.49 -8.12 22.75
N HIS C 175 -22.29 -8.68 22.88
CA HIS C 175 -21.57 -9.24 21.72
C HIS C 175 -20.83 -10.56 21.90
N THR C 176 -20.84 -11.37 20.85
CA THR C 176 -20.05 -12.59 20.76
C THR C 176 -18.84 -12.43 19.76
N SER C 177 -18.91 -11.43 18.85
CA SER C 177 -17.77 -10.97 18.00
C SER C 177 -17.72 -9.45 18.04
N ASN C 178 -16.55 -8.89 17.74
CA ASN C 178 -16.34 -7.42 17.86
C ASN C 178 -15.20 -6.92 16.99
N LEU C 179 -15.29 -7.21 15.71
CA LEU C 179 -14.15 -7.06 14.83
C LEU C 179 -13.84 -5.60 14.50
N ASN C 180 -14.74 -4.69 14.82
CA ASN C 180 -14.43 -3.28 14.70
C ASN C 180 -14.06 -2.66 16.06
N GLY C 181 -13.62 -3.49 17.02
CA GLY C 181 -13.15 -3.04 18.32
C GLY C 181 -11.75 -2.42 18.26
N ARG C 182 -11.16 -2.17 19.40
CA ARG C 182 -9.83 -1.58 19.46
C ARG C 182 -8.79 -2.57 18.95
N TYR C 183 -7.76 -2.04 18.31
CA TYR C 183 -6.61 -2.80 17.90
C TYR C 183 -5.69 -2.94 19.14
N LEU C 184 -6.07 -3.86 20.03
CA LEU C 184 -5.34 -4.09 21.28
C LEU C 184 -4.05 -4.91 21.09
N ARG C 185 -3.97 -5.70 20.03
CA ARG C 185 -2.74 -6.45 19.68
C ARG C 185 -2.47 -7.68 20.57
N GLY C 186 -3.31 -8.70 20.42
CA GLY C 186 -3.19 -9.93 21.18
C GLY C 186 -4.07 -9.91 22.41
N THR C 187 -3.63 -10.62 23.46
CA THR C 187 -4.44 -10.80 24.68
C THR C 187 -4.33 -9.59 25.59
N HIS C 188 -5.43 -9.24 26.27
CA HIS C 188 -5.63 -7.84 26.67
C HIS C 188 -6.41 -7.55 27.95
N GLY C 189 -6.00 -8.12 29.08
CA GLY C 189 -6.51 -7.70 30.40
C GLY C 189 -7.98 -7.28 30.48
N SER C 190 -8.31 -6.16 29.83
CA SER C 190 -9.71 -5.72 29.69
C SER C 190 -10.57 -6.78 28.96
N PHE C 191 -11.88 -6.59 29.01
CA PHE C 191 -12.82 -7.61 28.58
C PHE C 191 -13.64 -7.12 27.39
N ALA C 192 -13.69 -7.95 26.34
CA ALA C 192 -14.70 -7.86 25.30
C ALA C 192 -14.52 -6.66 24.36
N ASN C 193 -13.36 -6.00 24.43
CA ASN C 193 -13.18 -4.69 23.79
C ASN C 193 -12.11 -4.61 22.69
N GLY C 194 -11.53 -5.74 22.29
CA GLY C 194 -10.59 -5.80 21.15
C GLY C 194 -11.23 -6.32 19.87
N ILE C 195 -10.39 -6.59 18.86
CA ILE C 195 -10.88 -7.25 17.65
C ILE C 195 -11.16 -8.71 18.04
N ASN C 196 -12.27 -8.92 18.74
CA ASN C 196 -12.62 -10.24 19.31
C ASN C 196 -13.62 -11.05 18.43
N TRP C 197 -13.50 -12.36 18.53
CA TRP C 197 -14.45 -13.33 17.95
C TRP C 197 -14.53 -14.46 18.98
N LYS C 198 -15.64 -14.53 19.69
CA LYS C 198 -15.75 -15.39 20.85
C LYS C 198 -15.34 -16.84 20.63
N SER C 199 -15.92 -17.48 19.63
CA SER C 199 -15.64 -18.90 19.34
C SER C 199 -14.24 -19.10 18.78
N GLY C 200 -13.53 -18.00 18.51
CA GLY C 200 -12.22 -18.06 17.87
C GLY C 200 -11.13 -18.02 18.90
N LYS C 201 -10.69 -16.83 19.27
CA LYS C 201 -9.70 -16.66 20.34
C LYS C 201 -10.28 -16.05 21.61
N GLY C 202 -11.59 -15.78 21.62
CA GLY C 202 -12.29 -15.42 22.85
C GLY C 202 -12.44 -13.92 23.08
N TYR C 203 -12.98 -13.59 24.24
CA TYR C 203 -13.27 -12.21 24.61
C TYR C 203 -12.04 -11.40 25.04
N ASN C 204 -10.89 -12.05 25.16
CA ASN C 204 -9.68 -11.40 25.65
C ASN C 204 -8.49 -11.58 24.72
N TYR C 205 -8.77 -11.69 23.43
CA TYR C 205 -7.71 -11.70 22.42
C TYR C 205 -8.12 -10.87 21.18
N SER C 206 -7.31 -9.88 20.84
CA SER C 206 -7.60 -9.01 19.71
C SER C 206 -6.72 -9.40 18.53
N TYR C 207 -7.35 -9.77 17.42
CA TYR C 207 -6.61 -10.28 16.27
C TYR C 207 -5.72 -9.24 15.64
N LYS C 208 -4.75 -9.71 14.87
CA LYS C 208 -3.89 -8.85 14.08
C LYS C 208 -4.53 -8.39 12.75
N VAL C 209 -5.20 -9.33 12.13
CA VAL C 209 -5.82 -9.04 10.87
C VAL C 209 -7.25 -9.49 10.95
N SER C 210 -8.13 -8.61 10.44
CA SER C 210 -9.51 -8.92 10.29
C SER C 210 -9.91 -8.50 8.89
N GLU C 211 -10.61 -9.37 8.17
CA GLU C 211 -11.22 -8.99 6.89
C GLU C 211 -12.60 -9.57 6.71
N MET C 212 -13.56 -8.74 6.39
CA MET C 212 -14.88 -9.18 6.09
C MET C 212 -15.11 -8.88 4.59
N LYS C 213 -15.60 -9.89 3.90
CA LYS C 213 -15.70 -9.84 2.45
C LYS C 213 -16.87 -10.65 1.92
N VAL C 214 -17.30 -10.28 0.71
CA VAL C 214 -18.49 -10.87 0.10
C VAL C 214 -18.26 -11.32 -1.33
N ARG C 215 -19.05 -12.32 -1.71
CA ARG C 215 -19.00 -12.85 -3.06
C ARG C 215 -20.37 -13.41 -3.47
N PRO C 216 -20.77 -13.22 -4.74
CA PRO C 216 -22.03 -13.81 -5.21
C PRO C 216 -22.28 -15.29 -4.82
C1 NAG D . 11.60 37.63 3.66
C2 NAG D . 10.93 38.84 4.33
C3 NAG D . 11.43 40.08 3.64
C4 NAG D . 12.91 40.18 3.80
C5 NAG D . 13.44 38.89 3.15
C6 NAG D . 14.90 38.87 3.42
C7 NAG D . 8.57 38.70 5.01
C8 NAG D . 7.12 38.62 4.63
N2 NAG D . 9.49 38.80 4.03
O3 NAG D . 10.83 41.25 4.10
O4 NAG D . 13.34 41.24 3.00
O5 NAG D . 12.99 37.80 3.92
O6 NAG D . 15.32 37.59 3.03
O7 NAG D . 8.88 38.64 6.20
C1 NAG D . 13.78 42.33 3.83
C2 NAG D . 14.59 43.34 2.99
C3 NAG D . 15.04 44.51 3.84
C4 NAG D . 13.80 45.08 4.45
C5 NAG D . 13.07 43.97 5.23
C6 NAG D . 11.93 44.64 5.96
C7 NAG D . 15.99 42.23 1.27
C8 NAG D . 17.35 41.60 1.02
N2 NAG D . 15.79 42.70 2.50
O3 NAG D . 15.71 45.51 3.07
O4 NAG D . 14.19 45.94 5.48
O5 NAG D . 12.62 42.87 4.43
O6 NAG D . 11.46 43.70 6.84
O7 NAG D . 15.14 42.27 0.36
C1 MAN D . 14.28 47.37 5.38
C2 MAN D . 15.23 48.13 4.48
C3 MAN D . 15.80 49.32 5.22
C4 MAN D . 14.66 50.27 5.60
C5 MAN D . 13.44 49.54 6.21
C6 MAN D . 12.15 49.71 5.35
O2 MAN D . 14.68 48.69 3.30
O3 MAN D . 16.67 49.96 4.30
O4 MAN D . 15.15 51.28 6.49
O5 MAN D . 13.71 48.14 6.47
O6 MAN D . 11.53 50.99 5.47
C1 FUC D . 15.69 37.38 1.65
C2 FUC D . 16.86 36.39 1.33
C3 FUC D . 16.16 35.01 1.49
C4 FUC D . 15.03 34.99 0.40
C5 FUC D . 14.01 36.14 0.68
C6 FUC D . 12.80 36.12 -0.27
O2 FUC D . 17.92 36.59 2.23
O3 FUC D . 16.99 33.86 1.50
O4 FUC D . 15.53 35.20 -0.93
O5 FUC D . 14.69 37.43 0.64
C ACT E . 19.79 23.46 14.43
O ACT E . 19.54 24.05 13.34
OXT ACT E . 20.42 24.03 15.36
CH3 ACT E . 19.32 22.05 14.54
CA CA F . 24.35 27.79 3.53
P PO4 G . 19.81 12.16 -5.99
O1 PO4 G . 21.05 12.76 -5.30
O2 PO4 G . 18.55 12.94 -5.85
O3 PO4 G . 20.19 12.07 -7.50
O4 PO4 G . 19.70 10.72 -5.37
C ACT H . 21.02 -26.50 -7.19
O ACT H . 20.57 -26.65 -8.36
OXT ACT H . 22.05 -27.07 -6.80
CH3 ACT H . 20.34 -25.62 -6.17
C1 NAG I . 19.09 -23.43 -26.81
C2 NAG I . 20.13 -23.27 -27.92
C3 NAG I . 19.92 -24.23 -29.11
C4 NAG I . 19.28 -25.59 -28.78
C5 NAG I . 18.20 -25.50 -27.63
C6 NAG I . 17.57 -26.82 -27.12
C7 NAG I . 20.82 -20.90 -28.33
C8 NAG I . 20.50 -19.66 -29.14
N2 NAG I . 20.02 -21.96 -28.54
O3 NAG I . 21.09 -24.30 -29.96
O4 NAG I . 18.82 -26.08 -30.06
O5 NAG I . 18.80 -24.83 -26.52
O6 NAG I . 16.79 -26.64 -25.90
O7 NAG I . 21.76 -20.89 -27.51
P1 PC J . -1.73 -23.29 -6.67
O1 PC J . -2.15 -22.78 -5.33
O3 PC J . -1.05 -24.70 -6.66
O4 PC J . -0.99 -22.50 -7.74
O2 PC J . -3.21 -23.62 -7.29
C1 PC J . -3.66 -24.96 -6.86
C2 PC J . -5.14 -25.33 -7.12
N1 PC J . -5.90 -24.90 -5.91
C3 PC J . -5.93 -25.66 -4.62
C4 PC J . -6.63 -23.59 -5.98
C5 PC J . -7.10 -25.68 -6.48
CA CA K . 12.86 -33.16 -14.01
CA CA L . 1.31 -31.89 -15.11
CA CA M . -29.19 0.83 25.46
#